data_3MI3
#
_entry.id   3MI3
#
_cell.length_a   135.637
_cell.length_b   135.637
_cell.length_c   122.928
_cell.angle_alpha   90.00
_cell.angle_beta   90.00
_cell.angle_gamma   120.00
#
_symmetry.space_group_name_H-M   'P 62'
#
loop_
_entity.id
_entity.type
_entity.pdbx_description
1 polymer 'Homocitrate synthase, mitochondrial'
2 non-polymer LYSINE
3 non-polymer 'ZINC ION'
4 non-polymer 'SODIUM ION'
5 water water
#
_entity_poly.entity_id   1
_entity_poly.type   'polypeptide(L)'
_entity_poly.pdbx_seq_one_letter_code
;GAMGSMSVSEANGTETIKPPMNGNPYGPNPSDFLSRVNNFSIIESTLREGEQFANAFFDTEKKIQIAKALDNFGVDYIEL
TSPVASEQSRQDCEAICKLGLKCKILTHIRCHMDDARVAVETGVDGVDVVIGTSQYLRKYSHGKDMTYIIDSATEVINFV
KSKGIEVRFSSEDSFRSDLVDLLSLYKAVDKIGVNRVGIADTVGCATPRQVYDLIRTLRGVVSCDIECHFHNDTGMAIAN
AYCALEAGATHIDTSILGIGERNGITPLGALLARMYVTDREYITHKYKLNQLRELENLVADAVEVQIPFNNYITGMCAFT
HKAGIHAKAILANPSTYEILKPEDFGMSRYVHVGSRLTGWNAIKSRAEQLNLHLTDAQAKELTVRIKKLADVRTLAMDDV
DRVLREYHADLSDADRITKEASA
;
_entity_poly.pdbx_strand_id   A,B
#
loop_
_chem_comp.id
_chem_comp.type
_chem_comp.name
_chem_comp.formula
NA non-polymer 'SODIUM ION' 'Na 1'
ZN non-polymer 'ZINC ION' 'Zn 2'
#
# COMPACT_ATOMS: atom_id res chain seq x y z
N ASN A 29 -20.04 20.47 6.36
CA ASN A 29 -21.39 20.15 5.77
C ASN A 29 -21.54 20.47 4.26
N PRO A 30 -21.58 21.78 3.85
CA PRO A 30 -21.86 22.08 2.42
C PRO A 30 -21.05 21.30 1.39
N SER A 31 -19.76 21.07 1.65
CA SER A 31 -18.90 20.38 0.67
C SER A 31 -19.18 18.89 0.54
N ASP A 32 -19.88 18.32 1.53
CA ASP A 32 -20.38 16.96 1.39
C ASP A 32 -21.24 16.83 0.14
N PHE A 33 -21.86 17.92 -0.31
CA PHE A 33 -22.72 17.89 -1.50
C PHE A 33 -21.93 17.60 -2.78
N LEU A 34 -20.64 17.94 -2.79
CA LEU A 34 -19.80 17.74 -3.98
C LEU A 34 -19.12 16.39 -3.99
N SER A 35 -19.13 15.71 -2.86
CA SER A 35 -18.45 14.45 -2.70
C SER A 35 -19.00 13.38 -3.62
N ARG A 36 -18.09 12.68 -4.30
CA ARG A 36 -18.46 11.56 -5.17
C ARG A 36 -18.14 10.17 -4.58
N VAL A 37 -17.98 10.07 -3.26
CA VAL A 37 -17.60 8.78 -2.65
C VAL A 37 -18.58 7.61 -2.88
N ASN A 38 -19.86 7.92 -3.10
CA ASN A 38 -20.77 6.83 -3.41
C ASN A 38 -21.42 7.04 -4.72
N ASN A 39 -20.68 7.62 -5.66
CA ASN A 39 -21.21 7.87 -6.99
C ASN A 39 -20.06 8.23 -7.90
N PHE A 40 -19.32 7.22 -8.34
CA PHE A 40 -18.17 7.42 -9.19
C PHE A 40 -18.03 6.26 -10.17
N SER A 41 -17.15 6.46 -11.14
CA SER A 41 -16.82 5.44 -12.13
C SER A 41 -15.34 5.07 -12.02
N ILE A 42 -15.06 3.79 -12.31
CA ILE A 42 -13.68 3.33 -12.40
C ILE A 42 -13.28 3.29 -13.89
N ILE A 43 -12.08 3.83 -14.17
CA ILE A 43 -11.44 3.65 -15.44
C ILE A 43 -10.34 2.63 -15.20
N GLU A 44 -10.62 1.40 -15.63
CA GLU A 44 -9.71 0.31 -15.39
C GLU A 44 -8.61 0.34 -16.45
N SER A 45 -7.36 0.38 -15.96
CA SER A 45 -6.16 0.68 -16.75
C SER A 45 -5.13 -0.46 -16.78
N THR A 46 -5.55 -1.67 -16.43
CA THR A 46 -4.65 -2.83 -16.49
C THR A 46 -4.13 -2.98 -17.92
N LEU A 47 -4.96 -2.65 -18.90
CA LEU A 47 -4.58 -2.76 -20.31
C LEU A 47 -4.03 -1.45 -20.92
N ARG A 48 -3.69 -0.49 -20.06
CA ARG A 48 -3.01 0.72 -20.51
C ARG A 48 -1.83 0.97 -19.58
N GLU A 49 -2.10 1.44 -18.37
CA GLU A 49 -1.06 1.55 -17.34
C GLU A 49 -0.32 0.24 -17.11
N GLY A 50 -1.05 -0.87 -17.06
CA GLY A 50 -0.48 -2.19 -16.75
C GLY A 50 0.51 -2.69 -17.77
N GLU A 51 0.39 -2.23 -19.01
CA GLU A 51 1.34 -2.61 -20.02
C GLU A 51 2.72 -2.03 -19.73
N GLN A 52 2.78 -0.98 -18.90
CA GLN A 52 4.07 -0.44 -18.39
C GLN A 52 4.67 -1.21 -17.20
N PHE A 53 3.96 -2.22 -16.70
CA PHE A 53 4.50 -3.06 -15.65
C PHE A 53 5.70 -3.83 -16.16
N ALA A 54 6.75 -3.89 -15.33
CA ALA A 54 8.03 -4.51 -15.68
C ALA A 54 7.92 -5.89 -16.34
N ASN A 55 7.00 -6.73 -15.87
CA ASN A 55 6.83 -8.06 -16.43
C ASN A 55 5.53 -8.30 -17.24
N ALA A 56 4.89 -7.23 -17.75
CA ALA A 56 3.69 -7.40 -18.56
C ALA A 56 4.01 -7.44 -20.05
N PHE A 57 3.58 -8.53 -20.70
CA PHE A 57 3.78 -8.72 -22.14
C PHE A 57 2.53 -9.37 -22.71
N PHE A 58 1.39 -8.72 -22.52
CA PHE A 58 0.11 -9.31 -22.88
C PHE A 58 0.01 -9.55 -24.37
N ASP A 59 -0.44 -10.73 -24.79
CA ASP A 59 -0.82 -10.94 -26.18
C ASP A 59 -2.31 -10.67 -26.36
N THR A 60 -2.73 -10.56 -27.62
CA THR A 60 -4.14 -10.33 -27.97
C THR A 60 -5.14 -11.17 -27.17
N GLU A 61 -4.90 -12.49 -27.12
CA GLU A 61 -5.78 -13.43 -26.44
CA GLU A 61 -5.73 -13.48 -26.43
C GLU A 61 -5.90 -13.15 -24.95
N LYS A 62 -4.82 -12.68 -24.33
CA LYS A 62 -4.78 -12.40 -22.88
C LYS A 62 -5.39 -11.05 -22.50
N LYS A 63 -5.26 -10.08 -23.38
CA LYS A 63 -5.94 -8.79 -23.25
C LYS A 63 -7.45 -8.98 -23.31
N ILE A 64 -7.89 -9.78 -24.27
CA ILE A 64 -9.30 -10.11 -24.45
C ILE A 64 -9.85 -10.80 -23.19
N GLN A 65 -9.12 -11.77 -22.65
CA GLN A 65 -9.54 -12.43 -21.41
C GLN A 65 -9.73 -11.40 -20.29
N ILE A 66 -8.76 -10.49 -20.13
CA ILE A 66 -8.80 -9.47 -19.09
C ILE A 66 -9.93 -8.45 -19.30
N ALA A 67 -10.13 -8.01 -20.53
CA ALA A 67 -11.19 -7.08 -20.87
C ALA A 67 -12.58 -7.66 -20.55
N LYS A 68 -12.80 -8.91 -20.94
CA LYS A 68 -14.05 -9.62 -20.67
C LYS A 68 -14.31 -9.79 -19.18
N ALA A 69 -13.26 -10.15 -18.42
CA ALA A 69 -13.37 -10.34 -16.97
C ALA A 69 -13.59 -9.02 -16.24
N LEU A 70 -12.99 -7.94 -16.73
CA LEU A 70 -13.18 -6.63 -16.13
C LEU A 70 -14.59 -6.15 -16.32
N ASP A 71 -15.15 -6.49 -17.48
CA ASP A 71 -16.51 -6.12 -17.84
C ASP A 71 -17.53 -6.87 -16.99
N ASN A 72 -17.28 -8.17 -16.80
N ASN A 72 -17.34 -8.18 -16.80
CA ASN A 72 -18.10 -9.01 -15.95
CA ASN A 72 -18.21 -8.96 -15.92
C ASN A 72 -18.05 -8.56 -14.50
C ASN A 72 -18.08 -8.52 -14.48
N PHE A 73 -16.89 -8.04 -14.10
CA PHE A 73 -16.67 -7.59 -12.74
C PHE A 73 -17.51 -6.33 -12.44
N GLY A 74 -17.69 -5.47 -13.46
CA GLY A 74 -18.63 -4.35 -13.37
C GLY A 74 -18.04 -2.94 -13.50
N VAL A 75 -16.78 -2.82 -13.91
CA VAL A 75 -16.18 -1.47 -14.14
C VAL A 75 -16.89 -0.75 -15.30
N ASP A 76 -16.96 0.57 -15.22
CA ASP A 76 -17.69 1.34 -16.24
C ASP A 76 -16.87 1.57 -17.51
N TYR A 77 -15.55 1.67 -17.35
CA TYR A 77 -14.63 1.94 -18.47
C TYR A 77 -13.42 1.06 -18.36
N ILE A 78 -12.90 0.64 -19.52
CA ILE A 78 -11.52 0.15 -19.60
C ILE A 78 -10.70 1.04 -20.53
N GLU A 79 -9.46 1.34 -20.15
CA GLU A 79 -8.58 2.09 -21.04
C GLU A 79 -7.53 1.20 -21.70
N LEU A 80 -7.25 1.47 -22.98
CA LEU A 80 -6.29 0.68 -23.76
C LEU A 80 -5.11 1.52 -24.18
N THR A 81 -3.96 0.86 -24.29
CA THR A 81 -2.77 1.42 -24.89
C THR A 81 -3.13 2.06 -26.22
N SER A 82 -2.63 3.28 -26.43
CA SER A 82 -2.85 4.05 -27.66
C SER A 82 -2.68 3.23 -28.95
N PRO A 83 -3.63 3.32 -29.89
CA PRO A 83 -3.53 2.49 -31.08
C PRO A 83 -2.39 2.93 -32.02
N VAL A 84 -1.82 4.12 -31.78
CA VAL A 84 -0.60 4.54 -32.50
C VAL A 84 0.68 3.94 -31.94
N ALA A 85 0.66 3.40 -30.72
CA ALA A 85 1.87 2.78 -30.13
C ALA A 85 2.58 1.77 -31.06
N SER A 86 1.83 0.82 -31.60
CA SER A 86 2.37 -0.17 -32.49
C SER A 86 1.22 -0.75 -33.26
N GLU A 87 1.54 -1.57 -34.25
CA GLU A 87 0.56 -2.25 -35.04
C GLU A 87 -0.34 -3.19 -34.21
N GLN A 88 0.29 -4.02 -33.38
CA GLN A 88 -0.44 -4.96 -32.56
C GLN A 88 -1.35 -4.20 -31.60
N SER A 89 -0.85 -3.10 -31.10
CA SER A 89 -1.60 -2.21 -30.30
C SER A 89 -2.88 -1.68 -31.01
N ARG A 90 -2.77 -1.22 -32.26
CA ARG A 90 -3.93 -0.82 -33.08
C ARG A 90 -4.91 -1.96 -33.36
N GLN A 91 -4.38 -3.16 -33.66
CA GLN A 91 -5.20 -4.33 -33.91
C GLN A 91 -6.01 -4.77 -32.69
N ASP A 92 -5.39 -4.73 -31.51
CA ASP A 92 -5.97 -5.21 -30.27
C ASP A 92 -7.04 -4.24 -29.81
N CYS A 93 -6.83 -2.97 -30.09
CA CYS A 93 -7.80 -1.96 -29.76
C CYS A 93 -9.05 -2.19 -30.61
N GLU A 94 -8.87 -2.47 -31.90
CA GLU A 94 -9.99 -2.81 -32.78
C GLU A 94 -10.77 -4.07 -32.34
N ALA A 95 -10.04 -5.10 -31.94
CA ALA A 95 -10.63 -6.36 -31.53
C ALA A 95 -11.48 -6.20 -30.26
N ILE A 96 -11.00 -5.38 -29.33
CA ILE A 96 -11.65 -5.22 -28.05
C ILE A 96 -12.95 -4.41 -28.17
N CYS A 97 -12.97 -3.45 -29.09
CA CYS A 97 -14.17 -2.67 -29.38
C CYS A 97 -15.25 -3.48 -30.09
N LYS A 98 -14.86 -4.64 -30.62
CA LYS A 98 -15.77 -5.51 -31.35
C LYS A 98 -16.38 -6.62 -30.47
N LEU A 99 -15.94 -6.70 -29.22
CA LEU A 99 -16.37 -7.74 -28.28
C LEU A 99 -17.81 -7.61 -27.72
N GLY A 100 -18.43 -6.45 -27.89
CA GLY A 100 -19.78 -6.21 -27.38
C GLY A 100 -19.85 -6.05 -25.86
N LEU A 101 -18.79 -5.52 -25.25
CA LEU A 101 -18.73 -5.39 -23.80
C LEU A 101 -19.69 -4.29 -23.34
N LYS A 102 -20.12 -4.35 -22.08
CA LYS A 102 -21.03 -3.35 -21.53
C LYS A 102 -20.27 -2.05 -21.22
N CYS A 103 -19.13 -2.18 -20.53
CA CYS A 103 -18.28 -1.05 -20.20
C CYS A 103 -17.82 -0.32 -21.46
N LYS A 104 -17.52 0.97 -21.31
CA LYS A 104 -17.06 1.80 -22.40
C LYS A 104 -15.55 1.62 -22.55
N ILE A 105 -15.07 1.59 -23.80
CA ILE A 105 -13.66 1.38 -24.12
C ILE A 105 -12.99 2.73 -24.46
N LEU A 106 -11.96 3.08 -23.70
CA LEU A 106 -11.22 4.32 -23.90
C LEU A 106 -9.81 4.06 -24.40
N THR A 107 -9.27 5.05 -25.08
CA THR A 107 -7.85 5.08 -25.34
C THR A 107 -7.35 6.51 -25.24
N HIS A 108 -6.06 6.70 -25.48
CA HIS A 108 -5.46 8.01 -25.35
C HIS A 108 -4.53 8.31 -26.51
N ILE A 109 -4.30 9.59 -26.78
CA ILE A 109 -3.39 10.02 -27.83
C ILE A 109 -2.56 11.21 -27.35
N ARG A 110 -1.53 11.52 -28.13
CA ARG A 110 -0.86 12.78 -27.94
CA ARG A 110 -0.79 12.77 -28.09
C ARG A 110 -1.72 13.82 -28.65
N CYS A 111 -1.39 15.10 -28.45
CA CYS A 111 -2.20 16.17 -29.02
C CYS A 111 -1.81 16.45 -30.48
N HIS A 112 -2.02 15.45 -31.35
CA HIS A 112 -1.74 15.56 -32.79
C HIS A 112 -2.93 15.04 -33.56
N MET A 113 -3.30 15.76 -34.61
CA MET A 113 -4.42 15.38 -35.47
C MET A 113 -4.25 13.99 -36.09
N ASP A 114 -3.02 13.68 -36.51
CA ASP A 114 -2.63 12.34 -36.99
C ASP A 114 -3.17 11.22 -36.10
N ASP A 115 -2.71 11.26 -34.84
CA ASP A 115 -3.08 10.27 -33.82
C ASP A 115 -4.59 10.19 -33.61
N ALA A 116 -5.27 11.34 -33.64
CA ALA A 116 -6.73 11.40 -33.44
C ALA A 116 -7.47 10.59 -34.51
N ARG A 117 -7.11 10.82 -35.78
CA ARG A 117 -7.66 10.01 -36.89
C ARG A 117 -7.54 8.50 -36.67
N VAL A 118 -6.32 8.03 -36.41
CA VAL A 118 -6.12 6.61 -36.07
C VAL A 118 -7.06 6.16 -34.93
N ALA A 119 -7.11 6.90 -33.83
CA ALA A 119 -7.95 6.56 -32.68
C ALA A 119 -9.47 6.43 -32.97
N VAL A 120 -10.05 7.40 -33.66
CA VAL A 120 -11.50 7.37 -33.99
C VAL A 120 -11.91 6.23 -34.95
N GLU A 121 -10.98 5.81 -35.81
CA GLU A 121 -11.20 4.66 -36.69
C GLU A 121 -11.32 3.33 -35.95
N THR A 122 -10.71 3.23 -34.77
CA THR A 122 -10.65 1.95 -34.06
C THR A 122 -11.98 1.48 -33.45
N GLY A 123 -12.87 2.43 -33.17
CA GLY A 123 -14.17 2.12 -32.58
C GLY A 123 -14.25 2.35 -31.09
N VAL A 124 -13.29 3.07 -30.52
CA VAL A 124 -13.32 3.38 -29.07
C VAL A 124 -14.50 4.29 -28.77
N ASP A 125 -14.95 4.25 -27.52
CA ASP A 125 -16.02 5.10 -27.05
C ASP A 125 -15.50 6.48 -26.62
N GLY A 126 -14.23 6.54 -26.21
CA GLY A 126 -13.62 7.80 -25.83
C GLY A 126 -12.13 7.90 -26.08
N VAL A 127 -11.68 9.14 -26.23
CA VAL A 127 -10.28 9.45 -26.47
C VAL A 127 -9.83 10.50 -25.47
N ASP A 128 -8.73 10.21 -24.76
CA ASP A 128 -8.04 11.20 -23.90
C ASP A 128 -6.94 11.88 -24.71
N VAL A 129 -6.96 13.21 -24.77
CA VAL A 129 -5.90 14.04 -25.32
C VAL A 129 -4.96 14.44 -24.15
N VAL A 130 -3.71 13.98 -24.20
CA VAL A 130 -2.77 14.22 -23.09
C VAL A 130 -1.71 15.25 -23.52
N ILE A 131 -1.49 16.24 -22.65
CA ILE A 131 -0.44 17.25 -22.81
C ILE A 131 0.46 17.34 -21.55
N GLY A 132 1.61 17.98 -21.70
CA GLY A 132 2.50 18.18 -20.56
C GLY A 132 3.00 19.60 -20.47
N THR A 133 2.79 20.25 -19.32
CA THR A 133 3.61 21.41 -18.97
C THR A 133 4.73 20.94 -18.00
N SER A 134 4.43 19.87 -17.23
CA SER A 134 5.39 19.00 -16.54
C SER A 134 6.78 19.64 -16.30
N MET A 146 2.56 28.36 -24.94
CA MET A 146 1.52 28.44 -23.90
C MET A 146 0.15 28.85 -24.48
N THR A 147 0.18 29.89 -25.30
CA THR A 147 -0.94 30.23 -26.16
C THR A 147 -1.12 29.15 -27.25
N TYR A 148 -0.02 28.54 -27.64
CA TYR A 148 0.03 27.49 -28.66
C TYR A 148 -0.73 26.21 -28.26
N ILE A 149 -0.62 25.80 -27.00
CA ILE A 149 -1.33 24.63 -26.50
C ILE A 149 -2.84 24.77 -26.73
N ILE A 150 -3.43 25.88 -26.26
CA ILE A 150 -4.86 26.13 -26.41
C ILE A 150 -5.35 25.93 -27.86
N ASP A 151 -4.61 26.44 -28.83
CA ASP A 151 -4.96 26.34 -30.26
C ASP A 151 -4.92 24.95 -30.89
N SER A 152 -3.79 24.28 -30.67
CA SER A 152 -3.60 22.89 -31.10
C SER A 152 -4.68 21.95 -30.51
N ALA A 153 -4.91 22.10 -29.20
CA ALA A 153 -5.90 21.34 -28.43
C ALA A 153 -7.34 21.50 -28.92
N THR A 154 -7.69 22.71 -29.37
CA THR A 154 -9.02 22.99 -29.93
C THR A 154 -9.29 22.19 -31.23
N GLU A 155 -8.31 22.14 -32.12
CA GLU A 155 -8.51 21.45 -33.38
C GLU A 155 -8.79 19.96 -33.18
N VAL A 156 -8.02 19.35 -32.28
CA VAL A 156 -8.09 17.92 -31.99
C VAL A 156 -9.38 17.58 -31.22
N ILE A 157 -9.74 18.42 -30.26
CA ILE A 157 -10.95 18.22 -29.47
C ILE A 157 -12.20 18.26 -30.36
N ASN A 158 -12.28 19.22 -31.28
CA ASN A 158 -13.46 19.38 -32.14
C ASN A 158 -13.55 18.29 -33.20
N PHE A 159 -12.40 17.82 -33.67
CA PHE A 159 -12.35 16.70 -34.59
C PHE A 159 -12.98 15.46 -33.95
N VAL A 160 -12.52 15.14 -32.74
CA VAL A 160 -12.98 13.96 -32.03
C VAL A 160 -14.47 14.09 -31.79
N LYS A 161 -14.87 15.27 -31.29
CA LYS A 161 -16.26 15.55 -30.97
C LYS A 161 -17.13 15.38 -32.19
N SER A 162 -16.63 15.83 -33.34
CA SER A 162 -17.38 15.68 -34.60
C SER A 162 -17.57 14.22 -35.03
N LYS A 163 -16.71 13.32 -34.51
CA LYS A 163 -16.84 11.90 -34.84
C LYS A 163 -17.84 11.21 -33.91
N GLY A 164 -18.47 11.97 -33.02
CA GLY A 164 -19.43 11.42 -32.06
C GLY A 164 -18.81 10.72 -30.86
N ILE A 165 -17.53 10.98 -30.60
CA ILE A 165 -16.77 10.23 -29.59
C ILE A 165 -16.53 11.12 -28.36
N GLU A 166 -16.58 10.51 -27.17
CA GLU A 166 -16.25 11.17 -25.91
CA GLU A 166 -16.26 11.25 -25.96
C GLU A 166 -14.80 11.67 -25.94
N VAL A 167 -14.58 12.89 -25.46
CA VAL A 167 -13.23 13.46 -25.45
C VAL A 167 -12.86 13.94 -24.05
N ARG A 168 -11.68 13.52 -23.61
CA ARG A 168 -11.12 13.94 -22.33
C ARG A 168 -9.83 14.69 -22.57
N PHE A 169 -9.50 15.63 -21.70
CA PHE A 169 -8.30 16.42 -21.83
C PHE A 169 -7.50 16.35 -20.54
N SER A 170 -6.23 16.00 -20.64
CA SER A 170 -5.46 15.68 -19.46
C SER A 170 -4.09 16.24 -19.51
N SER A 171 -3.51 16.38 -18.32
CA SER A 171 -2.13 16.77 -18.18
C SER A 171 -1.35 15.67 -17.47
N GLU A 172 -0.09 15.56 -17.86
CA GLU A 172 0.88 14.64 -17.30
C GLU A 172 1.68 15.41 -16.23
N ASP A 173 1.91 14.76 -15.09
CA ASP A 173 2.69 15.33 -14.00
C ASP A 173 2.05 16.63 -13.55
N SER A 174 0.76 16.55 -13.24
CA SER A 174 -0.05 17.73 -12.91
C SER A 174 0.43 18.44 -11.65
N PHE A 175 1.09 17.71 -10.76
CA PHE A 175 1.47 18.27 -9.47
C PHE A 175 2.85 18.90 -9.48
N ARG A 176 3.51 18.88 -10.64
CA ARG A 176 4.78 19.55 -10.81
C ARG A 176 4.70 20.49 -12.02
N SER A 177 3.49 20.86 -12.38
CA SER A 177 3.23 21.82 -13.44
C SER A 177 2.83 23.13 -12.76
N ASP A 178 3.10 24.24 -13.43
CA ASP A 178 2.73 25.53 -12.88
C ASP A 178 1.21 25.60 -12.73
N LEU A 179 0.78 25.82 -11.49
CA LEU A 179 -0.64 25.81 -11.10
C LEU A 179 -1.52 26.75 -11.92
N VAL A 180 -1.10 28.01 -12.05
CA VAL A 180 -1.91 28.99 -12.75
C VAL A 180 -2.06 28.68 -14.25
N ASP A 181 -0.98 28.23 -14.90
CA ASP A 181 -1.03 27.81 -16.31
C ASP A 181 -1.92 26.59 -16.50
N LEU A 182 -1.76 25.60 -15.62
CA LEU A 182 -2.57 24.39 -15.64
C LEU A 182 -4.08 24.70 -15.60
N LEU A 183 -4.49 25.49 -14.61
CA LEU A 183 -5.90 25.85 -14.39
C LEU A 183 -6.50 26.70 -15.48
N SER A 184 -5.71 27.63 -16.04
CA SER A 184 -6.12 28.45 -17.19
C SER A 184 -6.34 27.62 -18.44
N LEU A 185 -5.51 26.59 -18.60
CA LEU A 185 -5.66 25.61 -19.66
C LEU A 185 -6.95 24.77 -19.53
N TYR A 186 -7.22 24.21 -18.35
CA TYR A 186 -8.46 23.49 -18.11
C TYR A 186 -9.69 24.38 -18.35
N LYS A 187 -9.62 25.64 -17.91
CA LYS A 187 -10.66 26.65 -18.17
C LYS A 187 -10.92 26.87 -19.65
N ALA A 188 -9.84 27.08 -20.42
CA ALA A 188 -9.95 27.20 -21.87
C ALA A 188 -10.60 25.98 -22.50
N VAL A 189 -10.15 24.77 -22.18
CA VAL A 189 -10.76 23.58 -22.81
C VAL A 189 -12.19 23.30 -22.35
N ASP A 190 -12.50 23.68 -21.12
CA ASP A 190 -13.88 23.66 -20.62
C ASP A 190 -14.78 24.59 -21.41
N LYS A 191 -14.30 25.78 -21.78
CA LYS A 191 -15.09 26.69 -22.60
C LYS A 191 -15.33 26.10 -24.01
N ILE A 192 -14.36 25.38 -24.56
CA ILE A 192 -14.53 24.64 -25.82
C ILE A 192 -15.56 23.50 -25.69
N GLY A 193 -15.55 22.81 -24.56
CA GLY A 193 -16.45 21.68 -24.32
C GLY A 193 -15.74 20.35 -24.48
N VAL A 194 -15.44 19.68 -23.36
CA VAL A 194 -14.94 18.31 -23.36
C VAL A 194 -15.86 17.54 -22.40
N ASN A 195 -15.77 16.21 -22.41
CA ASN A 195 -16.51 15.37 -21.48
C ASN A 195 -15.85 15.34 -20.08
N ARG A 196 -14.53 15.25 -20.04
CA ARG A 196 -13.78 15.18 -18.80
C ARG A 196 -12.46 15.89 -18.95
N VAL A 197 -11.97 16.36 -17.81
CA VAL A 197 -10.59 16.78 -17.70
C VAL A 197 -9.92 15.81 -16.74
N GLY A 198 -8.62 15.62 -16.94
CA GLY A 198 -7.85 14.63 -16.20
C GLY A 198 -6.69 15.25 -15.47
N ILE A 199 -6.52 14.83 -14.21
CA ILE A 199 -5.34 15.12 -13.38
C ILE A 199 -4.52 13.82 -13.26
N ALA A 200 -3.22 13.89 -13.53
CA ALA A 200 -2.36 12.70 -13.37
C ALA A 200 -1.14 12.97 -12.47
N ASP A 201 -1.05 12.27 -11.35
CA ASP A 201 0.20 12.31 -10.59
C ASP A 201 1.15 11.23 -11.14
N THR A 202 1.89 11.60 -12.17
CA THR A 202 2.70 10.67 -12.92
C THR A 202 3.93 10.25 -12.12
N VAL A 203 4.43 11.14 -11.26
CA VAL A 203 5.68 10.94 -10.50
C VAL A 203 5.48 10.30 -9.13
N GLY A 204 4.27 10.40 -8.57
CA GLY A 204 3.96 9.78 -7.27
C GLY A 204 4.37 10.59 -6.06
N CYS A 205 4.28 11.91 -6.14
CA CYS A 205 4.72 12.81 -5.05
C CYS A 205 3.56 13.55 -4.32
N ALA A 206 2.36 13.50 -4.87
CA ALA A 206 1.22 14.25 -4.32
C ALA A 206 0.75 13.66 -2.97
N THR A 207 0.30 14.55 -2.09
CA THR A 207 -0.16 14.14 -0.79
C THR A 207 -1.67 14.37 -0.74
N PRO A 208 -2.40 13.62 0.12
CA PRO A 208 -3.89 13.65 0.11
C PRO A 208 -4.56 15.03 0.21
N ARG A 209 -4.06 15.90 1.07
CA ARG A 209 -4.68 17.21 1.28
C ARG A 209 -4.33 18.16 0.14
N GLN A 210 -3.17 17.95 -0.43
CA GLN A 210 -2.77 18.60 -1.66
C GLN A 210 -3.69 18.19 -2.84
N VAL A 211 -3.93 16.90 -3.01
CA VAL A 211 -4.92 16.44 -3.99
C VAL A 211 -6.33 17.04 -3.72
N TYR A 212 -6.82 16.94 -2.49
CA TYR A 212 -8.13 17.46 -2.15
C TYR A 212 -8.30 18.93 -2.59
N ASP A 213 -7.28 19.74 -2.28
CA ASP A 213 -7.31 21.17 -2.58
CA ASP A 213 -7.28 21.18 -2.56
C ASP A 213 -7.28 21.47 -4.08
N LEU A 214 -6.46 20.72 -4.83
CA LEU A 214 -6.41 20.90 -6.28
C LEU A 214 -7.72 20.49 -6.95
N ILE A 215 -8.30 19.37 -6.55
CA ILE A 215 -9.50 18.85 -7.20
C ILE A 215 -10.67 19.78 -6.92
N ARG A 216 -10.76 20.20 -5.68
CA ARG A 216 -11.74 21.15 -5.21
C ARG A 216 -11.68 22.47 -6.00
N THR A 217 -10.47 22.99 -6.25
CA THR A 217 -10.32 24.18 -7.11
C THR A 217 -10.72 23.90 -8.57
N LEU A 218 -10.28 22.76 -9.10
CA LEU A 218 -10.66 22.33 -10.45
C LEU A 218 -12.19 22.20 -10.59
N ARG A 219 -12.81 21.64 -9.56
CA ARG A 219 -14.25 21.50 -9.50
C ARG A 219 -14.94 22.87 -9.57
N GLY A 220 -14.28 23.91 -9.07
CA GLY A 220 -14.80 25.28 -9.16
C GLY A 220 -14.55 25.97 -10.50
N VAL A 221 -13.55 25.53 -11.24
CA VAL A 221 -13.12 26.16 -12.49
C VAL A 221 -13.89 25.58 -13.69
N VAL A 222 -14.11 24.26 -13.68
CA VAL A 222 -14.73 23.61 -14.85
C VAL A 222 -16.12 23.12 -14.52
N SER A 223 -16.89 22.84 -15.57
CA SER A 223 -18.28 22.42 -15.40
C SER A 223 -18.45 20.95 -15.77
N CYS A 224 -17.36 20.30 -16.17
CA CYS A 224 -17.45 18.94 -16.66
C CYS A 224 -16.98 17.93 -15.62
N ASP A 225 -16.88 16.67 -16.05
CA ASP A 225 -16.44 15.59 -15.17
C ASP A 225 -14.93 15.62 -14.98
N ILE A 226 -14.44 14.95 -13.96
CA ILE A 226 -13.03 15.01 -13.59
C ILE A 226 -12.50 13.61 -13.31
N GLU A 227 -11.45 13.24 -14.03
CA GLU A 227 -10.77 11.97 -13.82
C GLU A 227 -9.37 12.12 -13.20
N CYS A 228 -8.99 11.13 -12.40
CA CYS A 228 -7.75 11.19 -11.64
C CYS A 228 -6.95 9.91 -11.74
N HIS A 229 -5.62 10.09 -11.83
CA HIS A 229 -4.68 9.03 -12.02
C HIS A 229 -3.50 9.19 -11.04
N PHE A 230 -3.29 8.20 -10.17
CA PHE A 230 -2.33 8.38 -9.08
C PHE A 230 -1.26 7.30 -8.96
N HIS A 231 0.02 7.70 -9.05
CA HIS A 231 1.10 6.74 -8.88
C HIS A 231 1.42 6.48 -7.40
N ASN A 232 1.87 5.26 -7.12
CA ASN A 232 1.95 4.80 -5.77
C ASN A 232 3.33 4.77 -5.15
N ASP A 233 4.24 5.54 -5.72
CA ASP A 233 5.62 5.57 -5.24
C ASP A 233 5.84 5.80 -3.75
N THR A 234 4.97 6.60 -3.13
CA THR A 234 5.13 7.03 -1.74
C THR A 234 3.99 6.52 -0.85
N GLY A 235 3.18 5.62 -1.39
CA GLY A 235 2.07 5.00 -0.68
C GLY A 235 0.75 5.76 -0.63
N MET A 236 0.59 6.73 -1.52
CA MET A 236 -0.57 7.63 -1.42
C MET A 236 -1.64 7.37 -2.47
N ALA A 237 -1.47 6.38 -3.34
CA ALA A 237 -2.37 6.27 -4.47
C ALA A 237 -3.82 5.99 -4.10
N ILE A 238 -4.07 5.22 -3.04
CA ILE A 238 -5.45 4.95 -2.65
C ILE A 238 -6.04 6.14 -1.88
N ALA A 239 -5.22 6.74 -1.00
CA ALA A 239 -5.61 7.92 -0.23
C ALA A 239 -5.91 9.13 -1.12
N ASN A 240 -5.06 9.39 -2.09
CA ASN A 240 -5.28 10.40 -3.12
C ASN A 240 -6.55 10.15 -3.93
N ALA A 241 -6.83 8.89 -4.30
CA ALA A 241 -8.04 8.57 -5.03
C ALA A 241 -9.26 8.96 -4.19
N TYR A 242 -9.20 8.63 -2.90
CA TYR A 242 -10.29 8.88 -1.96
C TYR A 242 -10.56 10.39 -1.76
N CYS A 243 -9.51 11.16 -1.51
CA CYS A 243 -9.62 12.61 -1.38
C CYS A 243 -10.10 13.28 -2.64
N ALA A 244 -9.61 12.82 -3.77
CA ALA A 244 -10.10 13.25 -5.07
C ALA A 244 -11.63 13.06 -5.16
N LEU A 245 -12.15 11.88 -4.82
CA LEU A 245 -13.58 11.69 -4.79
C LEU A 245 -14.32 12.62 -3.83
N GLU A 246 -13.77 12.80 -2.63
CA GLU A 246 -14.36 13.73 -1.67
C GLU A 246 -14.51 15.14 -2.22
N ALA A 247 -13.52 15.56 -3.02
CA ALA A 247 -13.46 16.89 -3.61
C ALA A 247 -14.27 17.02 -4.93
N GLY A 248 -14.90 15.93 -5.40
CA GLY A 248 -15.73 16.02 -6.59
C GLY A 248 -15.28 15.33 -7.89
N ALA A 249 -14.13 14.67 -7.87
CA ALA A 249 -13.71 13.86 -8.99
C ALA A 249 -14.77 12.78 -9.21
N THR A 250 -14.98 12.40 -10.46
CA THR A 250 -16.08 11.54 -10.83
C THR A 250 -15.54 10.18 -11.32
N HIS A 251 -14.26 10.15 -11.68
CA HIS A 251 -13.63 8.98 -12.33
C HIS A 251 -12.24 8.75 -11.75
N ILE A 252 -11.93 7.49 -11.41
CA ILE A 252 -10.62 7.11 -10.87
C ILE A 252 -10.01 5.98 -11.69
N ASP A 253 -8.74 6.14 -12.10
CA ASP A 253 -7.96 5.07 -12.75
C ASP A 253 -7.47 4.06 -11.73
N THR A 254 -7.64 2.79 -12.06
CA THR A 254 -7.10 1.70 -11.29
C THR A 254 -6.37 0.69 -12.18
N SER A 255 -5.75 -0.26 -11.54
CA SER A 255 -5.02 -1.28 -12.21
C SER A 255 -5.14 -2.49 -11.30
N ILE A 256 -5.27 -3.68 -11.90
CA ILE A 256 -5.38 -4.90 -11.11
C ILE A 256 -4.04 -5.16 -10.40
N LEU A 257 -4.11 -5.38 -9.09
CA LEU A 257 -2.92 -5.46 -8.23
C LEU A 257 -2.08 -4.20 -8.29
N GLY A 258 -2.65 -3.13 -8.82
CA GLY A 258 -1.98 -1.85 -9.07
C GLY A 258 -0.87 -1.83 -10.11
N ILE A 259 -0.72 -2.88 -10.91
CA ILE A 259 0.42 -2.98 -11.82
C ILE A 259 0.60 -1.80 -12.80
N GLY A 260 1.84 -1.36 -12.97
CA GLY A 260 2.11 -0.24 -13.85
C GLY A 260 3.57 0.11 -13.83
N GLU A 261 3.88 1.30 -14.29
CA GLU A 261 5.22 1.87 -14.21
C GLU A 261 5.71 1.90 -12.76
N ARG A 262 6.97 1.55 -12.53
CA ARG A 262 7.55 1.42 -11.18
C ARG A 262 6.63 0.54 -10.29
N ASN A 263 6.24 0.99 -9.11
CA ASN A 263 5.33 0.21 -8.26
C ASN A 263 3.82 0.46 -8.55
N GLY A 264 3.53 1.18 -9.64
CA GLY A 264 2.20 1.23 -10.20
C GLY A 264 1.32 2.29 -9.61
N ILE A 265 0.01 2.05 -9.72
CA ILE A 265 -0.99 3.08 -9.39
C ILE A 265 -2.01 2.52 -8.42
N THR A 266 -3.08 3.29 -8.17
CA THR A 266 -4.15 2.86 -7.29
C THR A 266 -4.55 1.45 -7.66
N PRO A 267 -4.41 0.46 -6.74
CA PRO A 267 -4.96 -0.89 -6.98
C PRO A 267 -6.48 -0.97 -7.02
N LEU A 268 -7.01 -1.74 -7.97
CA LEU A 268 -8.45 -1.94 -8.12
C LEU A 268 -9.08 -2.48 -6.85
N GLY A 269 -8.58 -3.61 -6.35
CA GLY A 269 -9.10 -4.21 -5.13
C GLY A 269 -9.02 -3.28 -3.92
N ALA A 270 -7.87 -2.62 -3.77
CA ALA A 270 -7.62 -1.70 -2.66
C ALA A 270 -8.61 -0.52 -2.65
N LEU A 271 -8.89 0.04 -3.82
CA LEU A 271 -9.89 1.11 -3.90
C LEU A 271 -11.27 0.62 -3.50
N LEU A 272 -11.63 -0.58 -3.91
CA LEU A 272 -12.94 -1.12 -3.61
C LEU A 272 -13.11 -1.42 -2.13
N ALA A 273 -12.05 -1.88 -1.48
CA ALA A 273 -12.04 -2.10 -0.04
C ALA A 273 -12.34 -0.76 0.71
N ARG A 274 -11.61 0.29 0.36
CA ARG A 274 -11.83 1.64 0.89
C ARG A 274 -13.25 2.17 0.65
N MET A 275 -13.75 1.99 -0.57
CA MET A 275 -15.03 2.55 -0.98
C MET A 275 -16.19 1.77 -0.41
N TYR A 276 -15.99 0.46 -0.26
CA TYR A 276 -16.93 -0.42 0.44
C TYR A 276 -17.13 -0.04 1.91
N VAL A 277 -16.05 0.33 2.60
CA VAL A 277 -16.17 0.76 4.00
C VAL A 277 -17.01 2.04 4.08
N THR A 278 -16.79 2.94 3.11
CA THR A 278 -17.57 4.16 3.03
C THR A 278 -19.03 3.92 2.68
N ASP A 279 -19.32 3.05 1.71
CA ASP A 279 -20.71 2.71 1.39
C ASP A 279 -20.79 1.25 0.94
N ARG A 280 -21.03 0.37 1.90
CA ARG A 280 -21.10 -1.07 1.64
CA ARG A 280 -21.10 -1.06 1.65
C ARG A 280 -22.11 -1.46 0.58
N GLU A 281 -23.34 -0.94 0.70
CA GLU A 281 -24.43 -1.35 -0.19
CA GLU A 281 -24.42 -1.36 -0.19
C GLU A 281 -24.19 -0.87 -1.62
N TYR A 282 -23.60 0.31 -1.77
CA TYR A 282 -23.24 0.79 -3.10
C TYR A 282 -22.19 -0.07 -3.81
N ILE A 283 -21.10 -0.39 -3.12
CA ILE A 283 -20.01 -1.17 -3.70
C ILE A 283 -20.41 -2.64 -3.94
N THR A 284 -20.99 -3.30 -2.94
CA THR A 284 -21.42 -4.70 -3.08
C THR A 284 -22.45 -4.94 -4.23
N HIS A 285 -23.33 -3.98 -4.47
CA HIS A 285 -24.27 -4.09 -5.58
C HIS A 285 -23.71 -3.69 -6.94
N LYS A 286 -22.80 -2.73 -6.98
CA LYS A 286 -22.26 -2.31 -8.29
C LYS A 286 -21.25 -3.30 -8.88
N TYR A 287 -20.43 -3.93 -8.02
CA TYR A 287 -19.36 -4.83 -8.47
C TYR A 287 -19.61 -6.27 -8.05
N LYS A 288 -18.96 -7.20 -8.76
CA LYS A 288 -19.11 -8.62 -8.47
C LYS A 288 -17.87 -8.95 -7.67
N LEU A 289 -17.86 -8.50 -6.42
CA LEU A 289 -16.70 -8.55 -5.55
C LEU A 289 -16.15 -9.95 -5.31
N ASN A 290 -17.02 -10.96 -5.35
CA ASN A 290 -16.59 -12.34 -5.18
C ASN A 290 -15.76 -12.88 -6.35
N GLN A 291 -15.63 -12.08 -7.40
CA GLN A 291 -14.86 -12.41 -8.59
C GLN A 291 -13.47 -11.81 -8.59
N LEU A 292 -13.17 -11.01 -7.57
CA LEU A 292 -11.90 -10.29 -7.46
C LEU A 292 -10.66 -11.20 -7.44
N ARG A 293 -10.75 -12.31 -6.72
CA ARG A 293 -9.63 -13.24 -6.63
C ARG A 293 -9.27 -13.85 -7.99
N GLU A 294 -10.26 -14.30 -8.74
CA GLU A 294 -10.03 -14.86 -10.07
C GLU A 294 -9.47 -13.80 -11.01
N LEU A 295 -10.01 -12.58 -10.91
CA LEU A 295 -9.55 -11.47 -11.74
C LEU A 295 -8.07 -11.17 -11.47
N GLU A 296 -7.66 -11.15 -10.19
CA GLU A 296 -6.25 -10.96 -9.83
C GLU A 296 -5.35 -12.12 -10.24
N ASN A 297 -5.82 -13.35 -10.02
CA ASN A 297 -5.05 -14.54 -10.42
C ASN A 297 -4.78 -14.61 -11.93
N LEU A 298 -5.78 -14.23 -12.71
CA LEU A 298 -5.63 -14.10 -14.16
C LEU A 298 -4.47 -13.16 -14.53
N VAL A 299 -4.39 -12.01 -13.87
CA VAL A 299 -3.30 -11.04 -14.13
C VAL A 299 -1.99 -11.55 -13.53
N ALA A 300 -2.04 -12.06 -12.30
CA ALA A 300 -0.85 -12.61 -11.65
C ALA A 300 -0.18 -13.71 -12.49
N ASP A 301 -0.98 -14.58 -13.09
CA ASP A 301 -0.44 -15.58 -14.00
C ASP A 301 0.25 -14.95 -15.20
N ALA A 302 -0.44 -14.02 -15.84
CA ALA A 302 0.08 -13.39 -17.05
C ALA A 302 1.40 -12.65 -16.83
N VAL A 303 1.55 -12.00 -15.67
CA VAL A 303 2.72 -11.14 -15.39
C VAL A 303 3.70 -11.83 -14.44
N GLU A 304 3.46 -13.10 -14.15
CA GLU A 304 4.32 -13.97 -13.33
C GLU A 304 4.74 -13.40 -11.97
N VAL A 305 3.74 -13.03 -11.17
CA VAL A 305 3.95 -12.56 -9.80
C VAL A 305 3.12 -13.39 -8.81
N GLN A 306 3.49 -13.33 -7.53
CA GLN A 306 2.69 -13.89 -6.46
C GLN A 306 1.86 -12.79 -5.84
N ILE A 307 0.61 -13.11 -5.51
CA ILE A 307 -0.29 -12.21 -4.76
C ILE A 307 0.38 -11.91 -3.42
N PRO A 308 0.72 -10.64 -3.16
CA PRO A 308 1.41 -10.36 -1.89
C PRO A 308 0.64 -10.82 -0.64
N PHE A 309 1.36 -11.31 0.37
CA PHE A 309 0.74 -11.92 1.55
C PHE A 309 -0.22 -10.96 2.23
N ASN A 310 0.05 -9.66 2.06
CA ASN A 310 -0.70 -8.58 2.70
C ASN A 310 -1.60 -7.80 1.73
N ASN A 311 -1.80 -8.36 0.53
CA ASN A 311 -2.73 -7.79 -0.45
C ASN A 311 -4.13 -7.56 0.19
N TYR A 312 -4.71 -6.42 -0.18
CA TYR A 312 -6.02 -6.00 0.31
C TYR A 312 -7.07 -7.04 -0.06
N ILE A 313 -7.91 -7.39 0.92
CA ILE A 313 -8.95 -8.39 0.70
C ILE A 313 -8.42 -9.84 0.49
N THR A 314 -7.61 -10.03 -0.55
CA THR A 314 -7.30 -11.34 -1.12
C THR A 314 -5.94 -11.89 -0.72
N GLY A 315 -5.10 -11.11 -0.04
CA GLY A 315 -3.83 -11.63 0.42
C GLY A 315 -3.99 -12.65 1.55
N MET A 316 -3.03 -13.56 1.68
CA MET A 316 -3.08 -14.60 2.72
C MET A 316 -3.55 -14.07 4.08
N CYS A 317 -3.04 -12.91 4.46
N CYS A 317 -3.02 -12.91 4.48
CA CYS A 317 -3.18 -12.41 5.83
CA CYS A 317 -3.18 -12.45 5.84
C CYS A 317 -4.26 -11.37 6.04
C CYS A 317 -4.28 -11.41 6.05
N ALA A 318 -4.93 -10.95 4.98
CA ALA A 318 -5.94 -9.88 5.07
C ALA A 318 -7.14 -10.18 5.99
N PHE A 319 -7.61 -11.43 5.97
CA PHE A 319 -8.71 -11.87 6.84
C PHE A 319 -8.20 -12.82 7.93
N THR A 320 -7.20 -12.36 8.69
CA THR A 320 -6.66 -13.15 9.79
C THR A 320 -6.63 -12.33 11.10
N HIS A 321 -6.88 -13.02 12.21
CA HIS A 321 -6.68 -12.48 13.57
C HIS A 321 -5.63 -13.35 14.25
N LYS A 322 -4.81 -12.78 15.13
CA LYS A 322 -3.97 -13.62 15.97
C LYS A 322 -4.77 -14.06 17.18
N ALA A 323 -4.72 -15.35 17.48
CA ALA A 323 -5.32 -15.90 18.66
C ALA A 323 -4.17 -16.14 19.63
N GLY A 324 -4.47 -16.15 20.93
CA GLY A 324 -3.45 -16.45 21.93
C GLY A 324 -2.95 -15.26 22.73
N ILE A 325 -1.73 -15.41 23.28
CA ILE A 325 -1.10 -14.36 24.12
C ILE A 325 -1.05 -13.03 23.36
N HIS A 326 -1.05 -13.13 22.02
CA HIS A 326 -0.95 -11.95 21.17
C HIS A 326 -2.32 -11.33 20.83
N ALA A 327 -3.41 -12.04 21.09
CA ALA A 327 -4.76 -11.47 21.01
C ALA A 327 -5.01 -10.48 22.16
N LYS A 328 -4.33 -10.69 23.30
CA LYS A 328 -4.43 -9.82 24.47
C LYS A 328 -3.71 -8.46 24.25
N ALA A 329 -3.11 -8.28 23.08
CA ALA A 329 -2.36 -7.06 22.75
C ALA A 329 -3.27 -5.87 22.43
N ILE A 330 -4.51 -6.17 22.06
CA ILE A 330 -5.61 -5.21 21.98
C ILE A 330 -6.56 -5.47 23.16
N LEU A 331 -7.35 -4.47 23.55
CA LEU A 331 -8.29 -4.61 24.68
C LEU A 331 -9.55 -5.39 24.29
N ALA A 332 -10.09 -5.09 23.11
CA ALA A 332 -11.29 -5.76 22.65
C ALA A 332 -10.91 -7.07 21.99
N ASN A 333 -11.82 -8.03 22.05
CA ASN A 333 -11.80 -9.22 21.20
C ASN A 333 -11.36 -8.91 19.72
N PRO A 334 -10.40 -9.69 19.15
CA PRO A 334 -10.00 -9.51 17.74
C PRO A 334 -11.15 -9.37 16.73
N SER A 335 -12.23 -10.14 16.90
CA SER A 335 -13.38 -10.07 15.98
C SER A 335 -14.15 -8.73 16.00
N THR A 336 -13.89 -7.88 17.00
CA THR A 336 -14.40 -6.51 17.05
C THR A 336 -13.87 -5.68 15.87
N TYR A 337 -12.73 -6.08 15.30
CA TYR A 337 -12.12 -5.29 14.25
C TYR A 337 -12.21 -6.06 12.95
N GLU A 338 -13.39 -5.97 12.33
CA GLU A 338 -13.68 -6.60 11.06
C GLU A 338 -14.34 -5.60 10.08
N ILE A 339 -13.63 -4.53 9.75
CA ILE A 339 -14.18 -3.49 8.86
C ILE A 339 -14.64 -4.12 7.51
N LEU A 340 -13.91 -5.14 7.05
CA LEU A 340 -14.25 -5.89 5.85
C LEU A 340 -14.94 -7.19 6.23
N LYS A 341 -16.15 -7.39 5.74
CA LYS A 341 -16.89 -8.59 6.06
C LYS A 341 -16.54 -9.68 5.02
N PRO A 342 -15.95 -10.81 5.47
CA PRO A 342 -15.38 -11.80 4.53
C PRO A 342 -16.35 -12.32 3.48
N GLU A 343 -17.61 -12.54 3.84
CA GLU A 343 -18.59 -13.06 2.87
C GLU A 343 -19.07 -12.08 1.81
N ASP A 344 -18.81 -10.78 2.02
CA ASP A 344 -19.06 -9.78 0.99
C ASP A 344 -18.07 -9.93 -0.17
N PHE A 345 -16.90 -10.52 0.13
CA PHE A 345 -15.83 -10.74 -0.83
C PHE A 345 -15.64 -12.21 -1.22
N GLY A 346 -16.68 -13.02 -1.04
CA GLY A 346 -16.63 -14.43 -1.42
C GLY A 346 -15.92 -15.38 -0.48
N MET A 347 -15.55 -14.91 0.71
CA MET A 347 -14.80 -15.74 1.67
C MET A 347 -15.66 -16.17 2.86
N SER A 348 -15.21 -17.17 3.61
CA SER A 348 -16.11 -17.74 4.59
C SER A 348 -15.92 -17.22 6.03
N ARG A 349 -14.71 -16.77 6.37
CA ARG A 349 -14.45 -16.27 7.70
C ARG A 349 -13.08 -15.60 7.79
N TYR A 350 -12.85 -14.92 8.91
CA TYR A 350 -11.52 -14.60 9.38
C TYR A 350 -10.95 -15.89 10.00
N VAL A 351 -9.69 -16.16 9.73
CA VAL A 351 -8.99 -17.29 10.28
C VAL A 351 -8.30 -16.82 11.54
N HIS A 352 -8.60 -17.45 12.67
CA HIS A 352 -7.96 -17.13 13.95
C HIS A 352 -6.71 -17.96 14.17
N VAL A 353 -5.56 -17.34 13.96
CA VAL A 353 -4.30 -18.07 13.95
C VAL A 353 -3.65 -18.13 15.33
N GLY A 354 -3.50 -19.33 15.86
CA GLY A 354 -2.84 -19.47 17.15
C GLY A 354 -1.58 -20.31 17.09
N SER A 355 -1.31 -20.86 15.92
CA SER A 355 -0.14 -21.73 15.72
C SER A 355 0.22 -21.71 14.25
N ARG A 356 1.43 -22.14 13.91
CA ARG A 356 1.78 -22.22 12.50
C ARG A 356 1.14 -23.46 11.86
N LEU A 357 0.15 -23.23 11.00
CA LEU A 357 -0.50 -24.34 10.29
C LEU A 357 0.41 -24.78 9.14
N THR A 358 0.86 -26.03 9.17
CA THR A 358 1.81 -26.56 8.17
C THR A 358 1.25 -27.75 7.40
N GLY A 359 1.72 -27.92 6.18
CA GLY A 359 1.37 -29.09 5.37
C GLY A 359 -0.05 -28.98 4.82
N TRP A 360 -0.76 -30.11 4.87
CA TRP A 360 -2.15 -30.15 4.44
C TRP A 360 -3.03 -29.20 5.27
N ASN A 361 -2.73 -29.10 6.56
CA ASN A 361 -3.45 -28.19 7.47
C ASN A 361 -3.55 -26.75 6.97
N ALA A 362 -2.45 -26.25 6.40
CA ALA A 362 -2.40 -24.88 5.90
C ALA A 362 -3.23 -24.71 4.63
N ILE A 363 -3.19 -25.72 3.76
CA ILE A 363 -3.98 -25.74 2.51
C ILE A 363 -5.49 -25.79 2.78
N LYS A 364 -5.93 -26.74 3.63
CA LYS A 364 -7.34 -26.92 3.99
C LYS A 364 -7.90 -25.62 4.59
N SER A 365 -7.20 -25.03 5.56
CA SER A 365 -7.64 -23.79 6.17
C SER A 365 -7.86 -22.69 5.12
N ARG A 366 -6.83 -22.44 4.29
CA ARG A 366 -6.94 -21.41 3.28
C ARG A 366 -8.01 -21.77 2.26
N ALA A 367 -8.07 -23.03 1.83
CA ALA A 367 -9.05 -23.45 0.82
C ALA A 367 -10.49 -23.33 1.34
N GLU A 368 -10.67 -23.59 2.64
CA GLU A 368 -11.98 -23.53 3.28
C GLU A 368 -12.40 -22.08 3.46
N GLN A 369 -11.42 -21.21 3.73
CA GLN A 369 -11.63 -19.76 3.76
C GLN A 369 -12.01 -19.17 2.40
N LEU A 370 -11.47 -19.74 1.33
CA LEU A 370 -11.74 -19.29 -0.03
C LEU A 370 -12.95 -19.99 -0.70
N ASN A 371 -13.66 -20.84 0.05
CA ASN A 371 -14.81 -21.59 -0.47
C ASN A 371 -14.49 -22.54 -1.64
N LEU A 372 -13.26 -23.05 -1.67
CA LEU A 372 -12.87 -24.06 -2.64
C LEU A 372 -13.29 -25.39 -2.02
N HIS A 373 -14.31 -26.02 -2.58
CA HIS A 373 -14.74 -27.28 -2.02
C HIS A 373 -13.94 -28.35 -2.74
N LEU A 374 -12.78 -28.66 -2.14
CA LEU A 374 -11.79 -29.54 -2.73
C LEU A 374 -12.18 -30.99 -2.54
N THR A 375 -12.19 -31.72 -3.66
CA THR A 375 -12.47 -33.14 -3.69
C THR A 375 -11.28 -33.89 -3.07
N ASP A 376 -11.48 -35.17 -2.77
CA ASP A 376 -10.40 -36.02 -2.23
C ASP A 376 -9.21 -36.10 -3.20
N ALA A 377 -9.52 -36.24 -4.50
CA ALA A 377 -8.50 -36.32 -5.57
C ALA A 377 -7.68 -35.03 -5.71
N GLN A 378 -8.32 -33.88 -5.50
CA GLN A 378 -7.65 -32.58 -5.53
C GLN A 378 -6.71 -32.38 -4.32
N ALA A 379 -7.23 -32.68 -3.12
CA ALA A 379 -6.44 -32.68 -1.88
C ALA A 379 -5.14 -33.51 -1.96
N LYS A 380 -5.16 -34.59 -2.76
CA LYS A 380 -4.01 -35.49 -2.95
C LYS A 380 -2.91 -34.87 -3.79
N GLU A 381 -3.26 -34.32 -4.95
CA GLU A 381 -2.32 -33.57 -5.81
C GLU A 381 -1.65 -32.42 -5.06
N LEU A 382 -2.45 -31.65 -4.31
CA LEU A 382 -1.96 -30.45 -3.65
C LEU A 382 -0.88 -30.75 -2.63
N THR A 383 -1.04 -31.84 -1.89
CA THR A 383 -0.05 -32.22 -0.88
C THR A 383 1.14 -32.99 -1.49
N VAL A 384 0.96 -33.47 -2.71
CA VAL A 384 2.09 -33.97 -3.51
C VAL A 384 2.90 -32.79 -4.06
N ARG A 385 2.20 -31.78 -4.62
CA ARG A 385 2.85 -30.59 -5.17
C ARG A 385 3.52 -29.81 -4.04
N ILE A 386 2.82 -29.69 -2.92
CA ILE A 386 3.30 -28.90 -1.77
C ILE A 386 4.55 -29.49 -1.13
N LYS A 387 4.72 -30.80 -1.30
CA LYS A 387 5.87 -31.52 -0.78
C LYS A 387 7.05 -31.32 -1.72
N LYS A 388 6.88 -31.75 -2.98
CA LYS A 388 7.86 -31.54 -4.06
C LYS A 388 8.28 -30.07 -4.17
N LEU A 389 7.57 -29.19 -3.47
CA LEU A 389 7.95 -27.79 -3.36
C LEU A 389 8.84 -27.53 -2.13
N ALA A 390 8.33 -27.88 -0.95
CA ALA A 390 9.09 -27.71 0.30
C ALA A 390 10.39 -28.54 0.34
N ASP A 391 10.43 -29.65 -0.39
CA ASP A 391 11.66 -30.45 -0.51
C ASP A 391 12.70 -29.74 -1.39
N VAL A 392 12.23 -28.90 -2.32
CA VAL A 392 13.12 -28.12 -3.20
C VAL A 392 13.56 -26.81 -2.55
N ARG A 393 12.76 -26.31 -1.62
CA ARG A 393 12.99 -25.01 -0.99
C ARG A 393 12.05 -24.84 0.20
N THR A 394 12.57 -24.27 1.27
CA THR A 394 11.80 -24.05 2.49
C THR A 394 10.51 -23.18 2.27
N LEU A 395 9.33 -23.76 2.57
CA LEU A 395 8.03 -23.21 2.18
C LEU A 395 7.72 -21.79 2.69
N ALA A 396 6.92 -21.05 1.94
CA ALA A 396 6.52 -19.69 2.34
C ALA A 396 5.00 -19.57 2.34
N MET A 397 4.49 -18.70 3.20
CA MET A 397 3.06 -18.42 3.31
C MET A 397 2.39 -18.17 1.95
N ASP A 398 3.12 -17.46 1.09
CA ASP A 398 2.67 -17.13 -0.27
C ASP A 398 2.46 -18.38 -1.14
N ASP A 399 3.24 -19.43 -0.90
CA ASP A 399 3.13 -20.69 -1.65
C ASP A 399 1.76 -21.36 -1.52
N VAL A 400 1.09 -21.11 -0.39
CA VAL A 400 -0.23 -21.67 -0.12
C VAL A 400 -1.22 -21.17 -1.16
N ASP A 401 -1.27 -19.85 -1.35
CA ASP A 401 -2.14 -19.26 -2.37
C ASP A 401 -1.70 -19.61 -3.79
N ARG A 402 -0.39 -19.78 -3.95
CA ARG A 402 0.22 -20.10 -5.22
C ARG A 402 -0.19 -21.48 -5.73
N VAL A 403 -0.15 -22.50 -4.85
CA VAL A 403 -0.56 -23.86 -5.24
C VAL A 403 -2.08 -23.97 -5.35
N LEU A 404 -2.81 -23.04 -4.71
CA LEU A 404 -4.26 -23.00 -4.78
C LEU A 404 -4.84 -22.23 -5.98
N ARG A 405 -3.99 -21.48 -6.69
CA ARG A 405 -4.42 -20.59 -7.78
C ARG A 405 -5.34 -21.28 -8.81
N GLU A 406 -4.96 -22.51 -9.17
N GLU A 406 -4.96 -22.50 -9.24
CA GLU A 406 -5.64 -23.34 -10.16
CA GLU A 406 -5.75 -23.28 -10.21
C GLU A 406 -7.05 -23.79 -9.74
C GLU A 406 -7.23 -23.36 -9.83
N TYR A 407 -7.49 -23.39 -8.53
CA TYR A 407 -8.81 -23.79 -7.99
C TYR A 407 -9.83 -22.67 -7.80
N HIS A 408 -11.08 -23.02 -8.06
CA HIS A 408 -12.20 -22.09 -8.10
C HIS A 408 -13.30 -22.44 -7.11
N ALA A 409 -14.12 -21.45 -6.77
CA ALA A 409 -15.35 -21.66 -6.03
C ALA A 409 -16.51 -21.76 -7.02
N ASN B 29 2.10 31.05 6.04
CA ASN B 29 1.02 30.00 6.20
C ASN B 29 1.04 29.27 7.57
N PRO B 30 0.26 29.78 8.55
CA PRO B 30 0.54 29.49 9.97
C PRO B 30 0.63 28.02 10.37
N SER B 31 -0.21 27.14 9.82
CA SER B 31 -0.23 25.74 10.29
C SER B 31 1.00 24.94 9.91
N ASP B 32 1.70 25.37 8.86
CA ASP B 32 3.02 24.83 8.56
C ASP B 32 3.95 24.90 9.77
N PHE B 33 3.70 25.85 10.68
CA PHE B 33 4.52 25.95 11.88
C PHE B 33 4.35 24.73 12.79
N LEU B 34 3.19 24.08 12.75
CA LEU B 34 2.91 22.95 13.62
C LEU B 34 3.28 21.60 13.02
N SER B 35 3.58 21.61 11.72
CA SER B 35 3.93 20.40 11.02
C SER B 35 5.20 19.74 11.53
N ARG B 36 5.15 18.41 11.64
CA ARG B 36 6.31 17.61 12.08
C ARG B 36 6.93 16.75 10.96
N VAL B 37 6.67 17.08 9.71
CA VAL B 37 7.16 16.21 8.61
C VAL B 37 8.69 16.05 8.53
N ASN B 38 9.45 17.02 8.99
CA ASN B 38 10.89 16.81 9.06
C ASN B 38 11.41 16.89 10.46
N ASN B 39 10.60 16.46 11.42
CA ASN B 39 11.06 16.45 12.78
C ASN B 39 10.16 15.50 13.59
N PHE B 40 10.41 14.21 13.47
CA PHE B 40 9.56 13.23 14.11
C PHE B 40 10.36 12.00 14.55
N SER B 41 9.73 11.17 15.37
CA SER B 41 10.31 9.92 15.84
C SER B 41 9.47 8.74 15.38
N ILE B 42 10.13 7.63 15.08
CA ILE B 42 9.45 6.39 14.75
C ILE B 42 9.42 5.50 15.97
N ILE B 43 8.24 4.95 16.25
CA ILE B 43 8.10 3.94 17.28
C ILE B 43 7.96 2.65 16.51
N GLU B 44 9.05 1.89 16.43
CA GLU B 44 9.04 0.68 15.66
C GLU B 44 8.40 -0.45 16.48
N SER B 45 7.38 -1.07 15.89
CA SER B 45 6.47 -1.98 16.58
C SER B 45 6.46 -3.39 15.99
N THR B 46 7.51 -3.75 15.24
CA THR B 46 7.67 -5.12 14.72
C THR B 46 7.64 -6.12 15.86
N LEU B 47 8.12 -5.69 17.04
CA LEU B 47 8.13 -6.54 18.23
C LEU B 47 6.95 -6.32 19.19
N ARG B 48 5.96 -5.58 18.77
CA ARG B 48 4.67 -5.55 19.44
C ARG B 48 3.52 -5.75 18.47
N GLU B 49 3.23 -4.79 17.60
CA GLU B 49 2.25 -5.03 16.54
C GLU B 49 2.56 -6.31 15.74
N GLY B 50 3.83 -6.50 15.38
CA GLY B 50 4.30 -7.62 14.54
C GLY B 50 4.05 -9.00 15.10
N GLU B 51 4.00 -9.11 16.42
CA GLU B 51 3.70 -10.39 17.05
C GLU B 51 2.24 -10.83 16.81
N GLN B 52 1.37 -9.88 16.43
CA GLN B 52 0.00 -10.17 16.00
C GLN B 52 -0.13 -10.62 14.54
N PHE B 53 0.98 -10.53 13.79
CA PHE B 53 1.02 -11.04 12.42
C PHE B 53 0.79 -12.55 12.40
N ALA B 54 -0.06 -12.99 11.46
CA ALA B 54 -0.51 -14.38 11.36
C ALA B 54 0.59 -15.44 11.50
N ASN B 55 1.77 -15.16 10.94
CA ASN B 55 2.86 -16.12 10.92
C ASN B 55 4.12 -15.71 11.73
N ALA B 56 3.94 -14.81 12.69
CA ALA B 56 5.02 -14.40 13.58
C ALA B 56 5.05 -15.24 14.87
N PHE B 57 6.17 -15.90 15.10
CA PHE B 57 6.38 -16.70 16.31
C PHE B 57 7.83 -16.51 16.74
N PHE B 58 8.20 -15.26 17.02
CA PHE B 58 9.58 -14.89 17.31
C PHE B 58 10.08 -15.55 18.58
N ASP B 59 11.25 -16.18 18.55
CA ASP B 59 11.89 -16.63 19.80
C ASP B 59 12.77 -15.51 20.36
N THR B 60 13.24 -15.67 21.59
CA THR B 60 14.10 -14.67 22.22
C THR B 60 15.23 -14.18 21.31
N GLU B 61 15.96 -15.12 20.71
CA GLU B 61 17.15 -14.81 19.91
C GLU B 61 16.81 -14.01 18.66
N LYS B 62 15.62 -14.24 18.12
CA LYS B 62 15.14 -13.58 16.91
C LYS B 62 14.65 -12.16 17.20
N LYS B 63 13.99 -12.00 18.34
CA LYS B 63 13.65 -10.68 18.85
C LYS B 63 14.91 -9.84 19.09
N ILE B 64 15.93 -10.44 19.68
CA ILE B 64 17.16 -9.73 19.98
C ILE B 64 17.88 -9.32 18.70
N GLN B 65 17.87 -10.18 17.68
CA GLN B 65 18.40 -9.84 16.36
C GLN B 65 17.67 -8.65 15.77
N ILE B 66 16.33 -8.70 15.77
CA ILE B 66 15.52 -7.62 15.18
C ILE B 66 15.69 -6.31 15.94
N ALA B 67 15.78 -6.37 17.27
CA ALA B 67 15.99 -5.16 18.06
C ALA B 67 17.34 -4.48 17.80
N LYS B 68 18.41 -5.27 17.70
CA LYS B 68 19.73 -4.75 17.32
C LYS B 68 19.77 -4.11 15.92
N ALA B 69 19.10 -4.74 14.96
CA ALA B 69 19.09 -4.28 13.57
C ALA B 69 18.29 -2.99 13.46
N LEU B 70 17.21 -2.90 14.22
CA LEU B 70 16.38 -1.70 14.29
C LEU B 70 17.14 -0.53 14.89
N ASP B 71 17.90 -0.80 15.95
CA ASP B 71 18.73 0.21 16.59
C ASP B 71 19.82 0.75 15.67
N ASN B 72 20.51 -0.15 14.96
CA ASN B 72 21.50 0.24 13.96
C ASN B 72 20.90 1.03 12.80
N PHE B 73 19.69 0.67 12.40
CA PHE B 73 19.00 1.35 11.33
C PHE B 73 18.69 2.81 11.74
N GLY B 74 18.46 3.04 13.03
CA GLY B 74 18.39 4.41 13.57
C GLY B 74 17.04 4.91 14.08
N VAL B 75 16.08 4.02 14.29
CA VAL B 75 14.79 4.40 14.91
C VAL B 75 15.00 4.83 16.38
N ASP B 76 14.16 5.73 16.86
CA ASP B 76 14.34 6.33 18.19
C ASP B 76 13.77 5.44 19.30
N TYR B 77 12.70 4.69 18.98
CA TYR B 77 12.02 3.82 19.95
C TYR B 77 11.73 2.50 19.30
N ILE B 78 11.81 1.43 20.09
CA ILE B 78 11.16 0.17 19.74
C ILE B 78 10.09 -0.13 20.78
N GLU B 79 8.95 -0.67 20.33
CA GLU B 79 7.93 -1.13 21.27
C GLU B 79 7.89 -2.66 21.36
N LEU B 80 7.67 -3.17 22.58
CA LEU B 80 7.65 -4.61 22.85
C LEU B 80 6.31 -5.05 23.39
N THR B 81 5.93 -6.27 23.05
CA THR B 81 4.79 -6.96 23.65
C THR B 81 4.86 -6.79 25.18
N SER B 82 3.71 -6.40 25.75
CA SER B 82 3.53 -6.25 27.19
C SER B 82 4.13 -7.39 28.02
N PRO B 83 4.93 -7.08 29.08
CA PRO B 83 5.59 -8.16 29.81
C PRO B 83 4.62 -8.94 30.69
N VAL B 84 3.38 -8.46 30.75
CA VAL B 84 2.28 -9.15 31.41
C VAL B 84 1.71 -10.27 30.52
N ALA B 85 1.93 -10.18 29.20
CA ALA B 85 1.38 -11.14 28.24
C ALA B 85 1.72 -12.62 28.53
N SER B 86 2.98 -12.91 28.80
CA SER B 86 3.39 -14.27 29.14
C SER B 86 4.72 -14.20 29.85
N GLU B 87 5.17 -15.34 30.34
CA GLU B 87 6.46 -15.45 30.98
C GLU B 87 7.58 -15.07 30.01
N GLN B 88 7.53 -15.65 28.81
CA GLN B 88 8.55 -15.39 27.82
CA GLN B 88 8.52 -15.39 27.75
C GLN B 88 8.54 -13.91 27.41
N SER B 89 7.35 -13.31 27.29
N SER B 89 7.35 -13.31 27.33
CA SER B 89 7.23 -11.88 27.04
CA SER B 89 7.21 -11.88 27.04
C SER B 89 8.01 -11.09 28.08
C SER B 89 7.84 -10.98 28.10
N ARG B 90 7.79 -11.41 29.36
CA ARG B 90 8.45 -10.72 30.46
C ARG B 90 9.98 -10.87 30.38
N GLN B 91 10.44 -12.13 30.27
CA GLN B 91 11.85 -12.43 30.07
C GLN B 91 12.50 -11.68 28.90
N ASP B 92 11.81 -11.61 27.75
CA ASP B 92 12.36 -11.04 26.54
C ASP B 92 12.46 -9.52 26.63
N CYS B 93 11.53 -8.93 27.38
CA CYS B 93 11.51 -7.50 27.62
C CYS B 93 12.72 -7.15 28.51
N GLU B 94 12.90 -7.89 29.61
CA GLU B 94 14.13 -7.72 30.42
C GLU B 94 15.44 -7.83 29.62
N ALA B 95 15.57 -8.86 28.80
CA ALA B 95 16.78 -9.11 28.04
C ALA B 95 17.10 -7.97 27.08
N ILE B 96 16.07 -7.42 26.45
CA ILE B 96 16.25 -6.39 25.45
C ILE B 96 16.62 -5.04 26.07
N CYS B 97 16.03 -4.73 27.22
CA CYS B 97 16.44 -3.58 28.02
C CYS B 97 17.89 -3.65 28.53
N LYS B 98 18.47 -4.84 28.53
CA LYS B 98 19.85 -5.02 28.98
C LYS B 98 20.89 -5.01 27.84
N LEU B 99 20.44 -4.86 26.60
CA LEU B 99 21.33 -4.91 25.42
C LEU B 99 22.19 -3.64 25.22
N GLY B 100 21.86 -2.54 25.91
CA GLY B 100 22.60 -1.29 25.75
C GLY B 100 22.33 -0.52 24.46
N LEU B 101 21.14 -0.71 23.87
CA LEU B 101 20.76 -0.06 22.61
C LEU B 101 20.61 1.44 22.83
N LYS B 102 20.74 2.22 21.74
CA LYS B 102 20.63 3.67 21.81
C LYS B 102 19.15 4.08 21.84
N CYS B 103 18.33 3.40 21.05
CA CYS B 103 16.92 3.71 21.01
C CYS B 103 16.28 3.39 22.36
N LYS B 104 15.21 4.10 22.68
CA LYS B 104 14.41 3.87 23.86
C LYS B 104 13.58 2.61 23.67
N ILE B 105 13.46 1.81 24.73
CA ILE B 105 12.62 0.62 24.71
C ILE B 105 11.31 0.91 25.46
N LEU B 106 10.20 0.77 24.73
CA LEU B 106 8.87 0.98 25.29
C LEU B 106 8.11 -0.33 25.45
N THR B 107 7.15 -0.33 26.37
CA THR B 107 6.11 -1.33 26.37
C THR B 107 4.75 -0.71 26.69
N HIS B 108 3.71 -1.54 26.70
CA HIS B 108 2.36 -1.07 26.99
C HIS B 108 1.69 -1.96 28.06
N ILE B 109 0.74 -1.38 28.76
CA ILE B 109 -0.05 -2.11 29.73
C ILE B 109 -1.51 -1.69 29.62
N ARG B 110 -2.36 -2.46 30.27
CA ARG B 110 -3.75 -2.09 30.54
CA ARG B 110 -3.73 -2.01 30.45
C ARG B 110 -3.71 -1.08 31.68
N CYS B 111 -4.82 -0.39 31.93
CA CYS B 111 -4.86 0.57 33.02
C CYS B 111 -5.05 -0.08 34.39
N HIS B 112 -4.08 -0.91 34.78
CA HIS B 112 -4.13 -1.66 36.05
C HIS B 112 -2.80 -1.53 36.76
N MET B 113 -2.86 -1.30 38.07
CA MET B 113 -1.65 -1.11 38.89
C MET B 113 -0.70 -2.31 38.90
N ASP B 114 -1.27 -3.53 38.95
CA ASP B 114 -0.47 -4.76 38.90
C ASP B 114 0.43 -4.78 37.67
N ASP B 115 -0.19 -4.64 36.49
CA ASP B 115 0.52 -4.49 35.20
C ASP B 115 1.59 -3.41 35.23
N ALA B 116 1.28 -2.27 35.85
CA ALA B 116 2.25 -1.17 35.99
C ALA B 116 3.49 -1.61 36.77
N ARG B 117 3.29 -2.28 37.90
CA ARG B 117 4.39 -2.81 38.71
C ARG B 117 5.29 -3.76 37.93
N VAL B 118 4.70 -4.73 37.23
CA VAL B 118 5.48 -5.63 36.38
C VAL B 118 6.29 -4.85 35.33
N ALA B 119 5.64 -3.92 34.63
CA ALA B 119 6.29 -3.18 33.54
C ALA B 119 7.49 -2.34 33.99
N VAL B 120 7.33 -1.59 35.07
CA VAL B 120 8.44 -0.76 35.61
C VAL B 120 9.66 -1.57 36.12
N GLU B 121 9.42 -2.78 36.62
CA GLU B 121 10.50 -3.66 37.04
C GLU B 121 11.36 -4.17 35.89
N THR B 122 10.83 -4.15 34.66
CA THR B 122 11.56 -4.72 33.51
C THR B 122 12.72 -3.88 32.97
N GLY B 123 12.75 -2.59 33.30
CA GLY B 123 13.81 -1.70 32.81
C GLY B 123 13.50 -1.00 31.50
N VAL B 124 12.23 -0.92 31.13
CA VAL B 124 11.84 -0.12 29.95
C VAL B 124 11.99 1.35 30.24
N ASP B 125 12.18 2.10 29.17
CA ASP B 125 12.27 3.55 29.19
C ASP B 125 10.88 4.21 29.20
N GLY B 126 9.87 3.51 28.71
CA GLY B 126 8.53 4.06 28.70
C GLY B 126 7.43 3.03 28.72
N VAL B 127 6.29 3.43 29.28
CA VAL B 127 5.10 2.60 29.39
C VAL B 127 3.89 3.36 28.81
N ASP B 128 3.18 2.72 27.88
CA ASP B 128 1.88 3.23 27.39
C ASP B 128 0.76 2.61 28.22
N VAL B 129 -0.07 3.45 28.83
CA VAL B 129 -1.35 3.06 29.44
C VAL B 129 -2.45 3.13 28.36
N VAL B 130 -3.08 2.00 28.04
CA VAL B 130 -4.10 1.96 26.98
C VAL B 130 -5.48 1.72 27.59
N ILE B 131 -6.47 2.54 27.17
CA ILE B 131 -7.88 2.40 27.57
C ILE B 131 -8.87 2.31 26.37
N GLY B 132 -10.09 1.86 26.68
CA GLY B 132 -11.17 1.78 25.70
C GLY B 132 -12.00 3.05 25.64
N MET B 146 -17.15 7.31 32.98
CA MET B 146 -16.20 8.29 32.44
C MET B 146 -15.30 8.87 33.54
N THR B 147 -15.91 9.13 34.70
CA THR B 147 -15.18 9.56 35.89
C THR B 147 -14.32 8.44 36.50
N TYR B 148 -14.77 7.19 36.39
CA TYR B 148 -14.01 6.04 36.88
C TYR B 148 -12.71 5.85 36.09
N ILE B 149 -12.78 6.09 34.77
CA ILE B 149 -11.61 6.01 33.91
C ILE B 149 -10.50 6.94 34.40
N ILE B 150 -10.86 8.19 34.68
CA ILE B 150 -9.87 9.23 34.94
C ILE B 150 -9.21 9.10 36.34
N ASP B 151 -9.93 8.55 37.32
CA ASP B 151 -9.37 8.22 38.64
C ASP B 151 -8.34 7.11 38.62
N SER B 152 -8.68 6.01 37.97
CA SER B 152 -7.78 4.86 37.77
C SER B 152 -6.53 5.26 37.00
N ALA B 153 -6.74 5.98 35.89
CA ALA B 153 -5.68 6.51 35.03
C ALA B 153 -4.68 7.41 35.77
N THR B 154 -5.18 8.24 36.69
CA THR B 154 -4.36 9.12 37.54
C THR B 154 -3.43 8.31 38.46
N GLU B 155 -4.00 7.24 39.02
CA GLU B 155 -3.30 6.34 39.91
C GLU B 155 -2.09 5.69 39.21
N VAL B 156 -2.35 5.15 38.01
CA VAL B 156 -1.34 4.42 37.23
C VAL B 156 -0.25 5.37 36.71
N ILE B 157 -0.69 6.52 36.20
CA ILE B 157 0.22 7.51 35.62
C ILE B 157 1.23 8.00 36.68
N ASN B 158 0.73 8.36 37.85
CA ASN B 158 1.60 8.89 38.88
C ASN B 158 2.61 7.88 39.38
N PHE B 159 2.20 6.61 39.42
CA PHE B 159 3.10 5.54 39.84
C PHE B 159 4.29 5.41 38.89
N VAL B 160 3.99 5.31 37.59
CA VAL B 160 4.99 5.18 36.54
C VAL B 160 5.92 6.38 36.55
N LYS B 161 5.35 7.58 36.69
CA LYS B 161 6.13 8.80 36.75
C LYS B 161 7.07 8.81 37.96
N SER B 162 6.59 8.32 39.10
CA SER B 162 7.42 8.21 40.31
C SER B 162 8.64 7.29 40.15
N LYS B 163 8.63 6.41 39.15
CA LYS B 163 9.79 5.55 38.87
C LYS B 163 10.79 6.21 37.94
N GLY B 164 10.49 7.43 37.51
CA GLY B 164 11.31 8.12 36.53
C GLY B 164 11.23 7.52 35.14
N ILE B 165 10.10 6.90 34.83
CA ILE B 165 9.88 6.26 33.53
C ILE B 165 8.86 7.11 32.75
N GLU B 166 9.05 7.24 31.44
N GLU B 166 9.04 7.24 31.45
CA GLU B 166 8.13 8.01 30.61
CA GLU B 166 8.13 7.97 30.59
C GLU B 166 6.77 7.32 30.53
C GLU B 166 6.76 7.30 30.54
N VAL B 167 5.71 8.11 30.49
CA VAL B 167 4.35 7.60 30.50
C VAL B 167 3.55 8.17 29.33
N ARG B 168 2.85 7.30 28.63
CA ARG B 168 2.00 7.67 27.48
C ARG B 168 0.60 7.14 27.76
N PHE B 169 -0.41 7.91 27.35
CA PHE B 169 -1.80 7.54 27.56
C PHE B 169 -2.51 7.47 26.21
N SER B 170 -3.10 6.32 25.93
CA SER B 170 -3.61 6.04 24.58
C SER B 170 -5.00 5.49 24.63
N SER B 171 -5.71 5.65 23.52
CA SER B 171 -7.00 5.02 23.39
C SER B 171 -6.96 4.07 22.21
N GLU B 172 -7.71 2.99 22.35
CA GLU B 172 -7.85 1.99 21.30
C GLU B 172 -9.12 2.33 20.51
N ASP B 173 -9.04 2.21 19.18
CA ASP B 173 -10.18 2.46 18.29
C ASP B 173 -10.70 3.91 18.45
N SER B 174 -9.76 4.86 18.34
CA SER B 174 -10.01 6.27 18.64
C SER B 174 -11.03 6.89 17.68
N PHE B 175 -11.13 6.33 16.49
CA PHE B 175 -11.97 6.92 15.48
C PHE B 175 -13.39 6.36 15.52
N ARG B 176 -13.65 5.45 16.43
CA ARG B 176 -15.00 4.96 16.64
C ARG B 176 -15.40 5.14 18.08
N SER B 177 -14.82 6.14 18.73
CA SER B 177 -15.12 6.49 20.12
C SER B 177 -15.81 7.84 20.08
N ASP B 178 -16.65 8.12 21.08
CA ASP B 178 -17.29 9.40 21.14
C ASP B 178 -16.23 10.51 21.25
N LEU B 179 -16.24 11.41 20.27
CA LEU B 179 -15.24 12.51 20.18
C LEU B 179 -15.11 13.40 21.39
N VAL B 180 -16.22 13.85 21.95
CA VAL B 180 -16.18 14.72 23.14
C VAL B 180 -15.67 14.01 24.40
N ASP B 181 -16.03 12.73 24.59
CA ASP B 181 -15.51 11.95 25.72
C ASP B 181 -14.01 11.73 25.57
N LEU B 182 -13.59 11.39 24.37
CA LEU B 182 -12.19 11.16 24.08
C LEU B 182 -11.31 12.38 24.41
N LEU B 183 -11.68 13.55 23.87
CA LEU B 183 -10.92 14.78 24.02
C LEU B 183 -10.90 15.31 25.44
N SER B 184 -12.03 15.17 26.16
CA SER B 184 -12.11 15.51 27.58
C SER B 184 -11.19 14.63 28.40
N LEU B 185 -11.13 13.37 28.03
CA LEU B 185 -10.19 12.42 28.61
C LEU B 185 -8.71 12.82 28.41
N TYR B 186 -8.31 13.15 27.18
CA TYR B 186 -6.95 13.57 26.92
C TYR B 186 -6.59 14.84 27.68
N LYS B 187 -7.55 15.77 27.76
CA LYS B 187 -7.40 17.02 28.50
C LYS B 187 -7.12 16.79 29.97
N ALA B 188 -7.93 15.93 30.59
CA ALA B 188 -7.75 15.56 31.99
C ALA B 188 -6.36 14.94 32.23
N VAL B 189 -5.99 13.99 31.39
CA VAL B 189 -4.70 13.31 31.48
C VAL B 189 -3.51 14.27 31.25
N ASP B 190 -3.68 15.24 30.35
CA ASP B 190 -2.71 16.32 30.12
C ASP B 190 -2.52 17.20 31.36
N LYS B 191 -3.59 17.52 32.09
CA LYS B 191 -3.47 18.32 33.32
C LYS B 191 -2.68 17.55 34.40
N ILE B 192 -2.92 16.24 34.51
CA ILE B 192 -2.10 15.36 35.35
C ILE B 192 -0.64 15.36 34.89
N GLY B 193 -0.39 15.36 33.58
CA GLY B 193 0.98 15.36 33.05
C GLY B 193 1.43 13.99 32.60
N VAL B 194 1.51 13.79 31.29
CA VAL B 194 2.08 12.59 30.72
C VAL B 194 3.08 13.06 29.68
N ASN B 195 3.94 12.16 29.22
CA ASN B 195 4.91 12.49 28.18
C ASN B 195 4.24 12.56 26.81
N ARG B 196 3.27 11.67 26.56
CA ARG B 196 2.62 11.60 25.29
C ARG B 196 1.20 11.11 25.40
N VAL B 197 0.37 11.51 24.42
CA VAL B 197 -0.93 10.89 24.26
C VAL B 197 -0.97 10.18 22.91
N GLY B 198 -1.79 9.13 22.83
CA GLY B 198 -1.81 8.23 21.68
C GLY B 198 -3.17 8.11 21.09
N ILE B 199 -3.21 8.21 19.75
CA ILE B 199 -4.38 7.95 18.92
C ILE B 199 -4.11 6.64 18.16
N ALA B 200 -5.06 5.71 18.16
CA ALA B 200 -4.93 4.44 17.41
C ALA B 200 -6.14 4.15 16.54
N ASP B 201 -5.92 4.02 15.24
CA ASP B 201 -6.98 3.51 14.36
C ASP B 201 -6.86 1.98 14.30
N THR B 202 -7.38 1.34 15.34
CA THR B 202 -7.24 -0.09 15.53
C THR B 202 -7.95 -0.86 14.41
N VAL B 203 -9.05 -0.29 13.90
CA VAL B 203 -9.96 -0.97 12.97
C VAL B 203 -9.61 -0.71 11.50
N GLY B 204 -8.87 0.36 11.24
CA GLY B 204 -8.42 0.70 9.87
C GLY B 204 -9.49 1.38 9.01
N CYS B 205 -10.32 2.24 9.60
CA CYS B 205 -11.39 2.95 8.89
C CYS B 205 -11.12 4.47 8.69
N ALA B 206 -10.14 5.03 9.39
CA ALA B 206 -9.91 6.48 9.31
C ALA B 206 -9.42 6.94 7.92
N THR B 207 -9.84 8.15 7.54
CA THR B 207 -9.42 8.73 6.27
C THR B 207 -8.45 9.90 6.52
N PRO B 208 -7.55 10.21 5.55
CA PRO B 208 -6.51 11.23 5.80
C PRO B 208 -7.01 12.58 6.31
N ARG B 209 -8.07 13.14 5.75
CA ARG B 209 -8.53 14.43 6.24
C ARG B 209 -9.17 14.35 7.60
N GLN B 210 -9.74 13.21 7.94
CA GLN B 210 -10.34 13.06 9.25
C GLN B 210 -9.22 12.88 10.29
N VAL B 211 -8.15 12.18 9.91
CA VAL B 211 -6.97 12.12 10.74
C VAL B 211 -6.42 13.55 10.96
N TYR B 212 -6.25 14.31 9.89
CA TYR B 212 -5.69 15.64 10.02
C TYR B 212 -6.49 16.52 11.00
N ASP B 213 -7.82 16.47 10.92
CA ASP B 213 -8.66 17.31 11.77
C ASP B 213 -8.60 16.89 13.22
N LEU B 214 -8.62 15.58 13.49
CA LEU B 214 -8.52 15.07 14.84
C LEU B 214 -7.18 15.42 15.51
N ILE B 215 -6.07 15.17 14.83
CA ILE B 215 -4.76 15.44 15.41
C ILE B 215 -4.60 16.93 15.66
N ARG B 216 -5.04 17.69 14.69
CA ARG B 216 -5.06 19.14 14.77
C ARG B 216 -5.86 19.65 15.98
N THR B 217 -7.02 19.07 16.26
CA THR B 217 -7.78 19.43 17.47
C THR B 217 -7.04 18.96 18.75
N LEU B 218 -6.53 17.74 18.72
CA LEU B 218 -5.75 17.20 19.83
C LEU B 218 -4.53 18.09 20.16
N ARG B 219 -3.84 18.56 19.14
CA ARG B 219 -2.72 19.49 19.26
C ARG B 219 -3.13 20.81 19.94
N GLY B 220 -4.36 21.29 19.69
CA GLY B 220 -4.94 22.44 20.37
C GLY B 220 -5.34 22.15 21.81
N VAL B 221 -5.77 20.92 22.09
CA VAL B 221 -6.25 20.51 23.43
C VAL B 221 -5.10 20.23 24.42
N VAL B 222 -4.04 19.55 23.96
CA VAL B 222 -2.98 19.12 24.89
C VAL B 222 -1.66 19.87 24.66
N SER B 223 -0.76 19.77 25.64
CA SER B 223 0.49 20.51 25.59
CA SER B 223 0.51 20.49 25.66
C SER B 223 1.68 19.57 25.34
N CYS B 224 1.40 18.27 25.29
CA CYS B 224 2.43 17.27 25.25
C CYS B 224 2.62 16.69 23.83
N ASP B 225 3.48 15.68 23.72
CA ASP B 225 3.75 15.01 22.43
C ASP B 225 2.57 14.13 22.01
N ILE B 226 2.51 13.75 20.74
CA ILE B 226 1.39 12.98 20.24
C ILE B 226 1.90 11.81 19.39
N GLU B 227 1.52 10.60 19.76
CA GLU B 227 1.82 9.40 18.97
C GLU B 227 0.61 8.83 18.27
N CYS B 228 0.82 8.32 17.05
CA CYS B 228 -0.25 7.78 16.21
C CYS B 228 0.04 6.37 15.64
N HIS B 229 -1.01 5.53 15.64
CA HIS B 229 -0.93 4.15 15.22
C HIS B 229 -2.04 3.88 14.20
N PHE B 230 -1.67 3.45 12.99
CA PHE B 230 -2.68 3.31 11.94
C PHE B 230 -2.73 1.95 11.27
N HIS B 231 -3.91 1.33 11.26
CA HIS B 231 -4.09 0.06 10.55
C HIS B 231 -4.40 0.27 9.07
N ASN B 232 -4.05 -0.73 8.27
CA ASN B 232 -4.01 -0.53 6.84
C ASN B 232 -5.11 -1.26 6.05
N ASP B 233 -6.21 -1.62 6.70
CA ASP B 233 -7.24 -2.40 6.03
C ASP B 233 -7.75 -1.82 4.72
N THR B 234 -7.78 -0.48 4.65
CA THR B 234 -8.37 0.25 3.52
C THR B 234 -7.31 1.05 2.76
N GLY B 235 -6.03 0.72 2.97
CA GLY B 235 -4.94 1.39 2.28
C GLY B 235 -4.53 2.77 2.77
N MET B 236 -4.95 3.16 3.97
CA MET B 236 -4.74 4.55 4.38
C MET B 236 -3.59 4.74 5.38
N ALA B 237 -2.89 3.68 5.74
CA ALA B 237 -1.96 3.78 6.88
C ALA B 237 -0.79 4.72 6.69
N ILE B 238 -0.22 4.81 5.50
CA ILE B 238 0.89 5.72 5.24
C ILE B 238 0.37 7.17 5.10
N ALA B 239 -0.76 7.34 4.40
CA ALA B 239 -1.36 8.64 4.21
C ALA B 239 -1.82 9.23 5.52
N ASN B 240 -2.40 8.41 6.38
CA ASN B 240 -2.84 8.83 7.70
C ASN B 240 -1.65 9.25 8.53
N ALA B 241 -0.55 8.48 8.45
CA ALA B 241 0.69 8.83 9.17
C ALA B 241 1.19 10.20 8.73
N TYR B 242 1.16 10.45 7.42
CA TYR B 242 1.66 11.68 6.83
C TYR B 242 0.85 12.88 7.29
N CYS B 243 -0.47 12.74 7.20
CA CYS B 243 -1.39 13.79 7.63
C CYS B 243 -1.33 14.09 9.10
N ALA B 244 -1.18 13.05 9.92
CA ALA B 244 -0.92 13.20 11.34
C ALA B 244 0.35 14.02 11.63
N LEU B 245 1.45 13.76 10.92
CA LEU B 245 2.64 14.60 11.06
C LEU B 245 2.38 16.05 10.66
N GLU B 246 1.68 16.25 9.54
CA GLU B 246 1.30 17.61 9.11
C GLU B 246 0.56 18.38 10.18
N ALA B 247 -0.28 17.67 10.94
CA ALA B 247 -1.16 18.23 11.96
C ALA B 247 -0.47 18.38 13.33
N GLY B 248 0.77 17.94 13.44
CA GLY B 248 1.49 18.09 14.69
C GLY B 248 1.83 16.84 15.50
N ALA B 249 1.46 15.65 15.03
CA ALA B 249 1.92 14.43 15.71
C ALA B 249 3.45 14.38 15.66
N THR B 250 4.05 13.84 16.71
CA THR B 250 5.49 13.83 16.90
C THR B 250 6.08 12.41 16.76
N HIS B 251 5.21 11.40 16.82
CA HIS B 251 5.62 9.99 16.87
C HIS B 251 4.67 9.15 16.05
N ILE B 252 5.21 8.27 15.20
CA ILE B 252 4.42 7.39 14.34
C ILE B 252 4.86 5.93 14.55
N ASP B 253 3.91 5.03 14.81
CA ASP B 253 4.19 3.59 14.90
C ASP B 253 4.33 3.00 13.51
N THR B 254 5.37 2.20 13.32
CA THR B 254 5.56 1.42 12.11
C THR B 254 5.87 -0.07 12.44
N SER B 255 5.89 -0.86 11.39
CA SER B 255 6.23 -2.24 11.49
C SER B 255 7.00 -2.59 10.22
N ILE B 256 7.99 -3.47 10.33
CA ILE B 256 8.73 -3.93 9.16
C ILE B 256 7.80 -4.69 8.21
N LEU B 257 7.78 -4.28 6.94
CA LEU B 257 6.85 -4.82 5.93
C LEU B 257 5.39 -4.61 6.33
N GLY B 258 5.17 -3.72 7.29
CA GLY B 258 3.87 -3.45 7.87
C GLY B 258 3.24 -4.59 8.68
N ILE B 259 3.99 -5.66 8.97
CA ILE B 259 3.36 -6.85 9.54
C ILE B 259 2.63 -6.56 10.85
N GLY B 260 1.43 -7.13 11.02
CA GLY B 260 0.67 -6.91 12.22
C GLY B 260 -0.62 -7.67 12.13
N GLU B 261 -1.57 -7.29 12.97
CA GLU B 261 -2.90 -7.86 12.95
C GLU B 261 -3.53 -7.58 11.57
N ARG B 262 -4.26 -8.57 11.03
CA ARG B 262 -4.82 -8.50 9.67
C ARG B 262 -3.75 -8.13 8.64
N ASN B 263 -4.00 -7.19 7.74
CA ASN B 263 -2.96 -6.76 6.81
C ASN B 263 -1.97 -5.71 7.40
N GLY B 264 -2.07 -5.45 8.72
CA GLY B 264 -1.02 -4.74 9.42
C GLY B 264 -1.16 -3.24 9.49
N ILE B 265 -0.05 -2.57 9.79
CA ILE B 265 -0.04 -1.13 10.03
C ILE B 265 0.88 -0.41 9.02
N THR B 266 1.11 0.89 9.26
CA THR B 266 2.03 1.66 8.48
C THR B 266 3.36 0.93 8.34
N PRO B 267 3.77 0.57 7.11
CA PRO B 267 5.11 -0.03 6.92
C PRO B 267 6.29 0.91 7.13
N LEU B 268 7.37 0.39 7.73
CA LEU B 268 8.58 1.18 7.99
C LEU B 268 9.17 1.79 6.70
N GLY B 269 9.45 0.94 5.70
CA GLY B 269 10.02 1.39 4.44
C GLY B 269 9.16 2.37 3.69
N ALA B 270 7.86 2.08 3.62
CA ALA B 270 6.86 2.98 3.02
C ALA B 270 6.84 4.39 3.62
N LEU B 271 6.85 4.48 4.95
CA LEU B 271 6.85 5.77 5.62
C LEU B 271 8.12 6.53 5.27
N LEU B 272 9.26 5.84 5.27
CA LEU B 272 10.53 6.50 4.98
C LEU B 272 10.59 6.96 3.53
N ALA B 273 10.05 6.17 2.60
CA ALA B 273 9.96 6.61 1.20
C ALA B 273 9.17 7.94 1.07
N ARG B 274 8.02 8.02 1.71
CA ARG B 274 7.20 9.21 1.76
C ARG B 274 7.90 10.38 2.42
N MET B 275 8.54 10.13 3.56
CA MET B 275 9.17 11.19 4.31
C MET B 275 10.45 11.68 3.64
N TYR B 276 11.13 10.77 2.93
CA TYR B 276 12.30 11.10 2.09
C TYR B 276 11.98 12.06 0.95
N VAL B 277 10.84 11.86 0.27
CA VAL B 277 10.39 12.78 -0.75
C VAL B 277 10.14 14.19 -0.17
N THR B 278 9.52 14.26 1.00
CA THR B 278 9.29 15.52 1.68
C THR B 278 10.56 16.20 2.18
N ASP B 279 11.53 15.43 2.68
CA ASP B 279 12.81 16.01 3.10
C ASP B 279 13.93 14.99 2.99
N ARG B 280 14.55 14.96 1.83
CA ARG B 280 15.61 14.02 1.54
C ARG B 280 16.81 14.07 2.50
N GLU B 281 17.32 15.28 2.77
CA GLU B 281 18.49 15.47 3.63
CA GLU B 281 18.50 15.43 3.63
C GLU B 281 18.21 14.93 5.05
N TYR B 282 17.02 15.23 5.55
CA TYR B 282 16.62 14.78 6.87
C TYR B 282 16.58 13.25 7.03
N ILE B 283 15.88 12.58 6.12
CA ILE B 283 15.72 11.14 6.18
C ILE B 283 17.02 10.39 5.89
N THR B 284 17.77 10.80 4.85
CA THR B 284 19.01 10.12 4.49
C THR B 284 20.12 10.22 5.57
N HIS B 285 20.16 11.33 6.32
CA HIS B 285 21.13 11.47 7.39
CA HIS B 285 21.13 11.52 7.42
C HIS B 285 20.67 10.84 8.71
N LYS B 286 19.37 10.71 8.92
CA LYS B 286 18.86 10.12 10.18
C LYS B 286 18.84 8.59 10.16
N TYR B 287 18.51 7.98 9.02
CA TYR B 287 18.41 6.53 8.92
C TYR B 287 19.48 5.95 8.02
N LYS B 288 19.73 4.66 8.18
CA LYS B 288 20.71 3.96 7.38
C LYS B 288 19.93 3.19 6.37
N LEU B 289 19.44 3.91 5.38
CA LEU B 289 18.50 3.42 4.39
C LEU B 289 19.04 2.29 3.51
N ASN B 290 20.37 2.21 3.36
CA ASN B 290 20.95 1.11 2.64
C ASN B 290 20.90 -0.23 3.42
N GLN B 291 20.38 -0.18 4.64
CA GLN B 291 20.24 -1.41 5.42
CA GLN B 291 20.22 -1.37 5.50
C GLN B 291 18.78 -1.87 5.48
N LEU B 292 17.89 -1.14 4.80
CA LEU B 292 16.47 -1.49 4.76
C LEU B 292 16.21 -2.90 4.22
N ARG B 293 16.88 -3.29 3.15
CA ARG B 293 16.69 -4.60 2.53
C ARG B 293 17.01 -5.75 3.48
N GLU B 294 18.18 -5.69 4.12
CA GLU B 294 18.60 -6.72 5.08
C GLU B 294 17.65 -6.78 6.29
N LEU B 295 17.16 -5.62 6.69
CA LEU B 295 16.21 -5.49 7.78
C LEU B 295 14.92 -6.21 7.43
N GLU B 296 14.41 -5.99 6.21
CA GLU B 296 13.21 -6.67 5.74
C GLU B 296 13.39 -8.17 5.52
N ASN B 297 14.53 -8.55 4.94
CA ASN B 297 14.86 -9.96 4.74
C ASN B 297 14.96 -10.74 6.06
N LEU B 298 15.53 -10.11 7.09
CA LEU B 298 15.58 -10.66 8.43
C LEU B 298 14.18 -10.97 8.99
N VAL B 299 13.23 -10.07 8.78
CA VAL B 299 11.86 -10.30 9.23
C VAL B 299 11.16 -11.30 8.31
N ALA B 300 11.27 -11.10 7.00
CA ALA B 300 10.66 -11.98 6.00
C ALA B 300 11.02 -13.44 6.20
N ASP B 301 12.27 -13.70 6.58
CA ASP B 301 12.73 -15.05 6.83
C ASP B 301 12.09 -15.61 8.11
N ALA B 302 11.99 -14.78 9.15
CA ALA B 302 11.38 -15.21 10.40
C ALA B 302 9.87 -15.52 10.29
N VAL B 303 9.15 -14.75 9.48
CA VAL B 303 7.69 -14.88 9.36
C VAL B 303 7.27 -15.61 8.09
N GLU B 304 8.27 -16.15 7.39
CA GLU B 304 8.08 -16.95 6.16
C GLU B 304 7.18 -16.34 5.06
N VAL B 305 7.52 -15.14 4.61
CA VAL B 305 6.83 -14.50 3.50
C VAL B 305 7.81 -14.08 2.40
N GLN B 306 7.29 -13.87 1.19
N GLN B 306 7.29 -13.81 1.20
CA GLN B 306 8.06 -13.24 0.10
CA GLN B 306 8.08 -13.27 0.08
C GLN B 306 8.02 -11.74 0.35
C GLN B 306 7.93 -11.75 0.06
N ILE B 307 9.04 -11.03 -0.12
CA ILE B 307 8.99 -9.56 -0.24
C ILE B 307 8.09 -9.25 -1.46
N PRO B 308 6.96 -8.59 -1.23
CA PRO B 308 6.07 -8.31 -2.38
C PRO B 308 6.74 -7.63 -3.61
N PHE B 309 6.35 -8.04 -4.81
CA PHE B 309 6.98 -7.53 -6.05
C PHE B 309 6.90 -6.01 -6.14
N ASN B 310 5.85 -5.44 -5.54
CA ASN B 310 5.56 -4.00 -5.60
C ASN B 310 5.86 -3.27 -4.27
N ASN B 311 6.59 -3.94 -3.38
CA ASN B 311 7.05 -3.35 -2.13
C ASN B 311 7.84 -2.05 -2.38
N TYR B 312 7.47 -1.04 -1.60
CA TYR B 312 8.11 0.26 -1.59
C TYR B 312 9.62 0.13 -1.46
N ILE B 313 10.36 0.82 -2.32
CA ILE B 313 11.82 0.79 -2.34
C ILE B 313 12.44 -0.56 -2.80
N THR B 314 12.18 -1.60 -2.01
CA THR B 314 12.93 -2.84 -2.06
C THR B 314 12.21 -3.93 -2.86
N GLY B 315 11.00 -3.68 -3.30
CA GLY B 315 10.30 -4.64 -4.15
C GLY B 315 10.94 -4.74 -5.52
N MET B 316 10.85 -5.95 -6.10
CA MET B 316 11.42 -6.25 -7.42
C MET B 316 11.17 -5.11 -8.43
N CYS B 317 9.96 -4.55 -8.39
N CYS B 317 9.95 -4.57 -8.43
CA CYS B 317 9.49 -3.63 -9.43
CA CYS B 317 9.54 -3.64 -9.48
C CYS B 317 9.60 -2.15 -9.10
C CYS B 317 9.59 -2.15 -9.09
N ALA B 318 9.99 -1.83 -7.86
CA ALA B 318 9.97 -0.44 -7.39
C ALA B 318 10.89 0.52 -8.19
N PHE B 319 12.06 0.01 -8.59
CA PHE B 319 13.01 0.81 -9.33
C PHE B 319 13.10 0.27 -10.77
N THR B 320 11.97 0.22 -11.45
CA THR B 320 11.91 -0.22 -12.85
C THR B 320 11.13 0.77 -13.72
N HIS B 321 11.60 0.94 -14.94
CA HIS B 321 10.85 1.64 -15.99
C HIS B 321 10.59 0.64 -17.10
N LYS B 322 9.47 0.78 -17.81
CA LYS B 322 9.30 0.02 -19.04
C LYS B 322 10.00 0.75 -20.18
N ALA B 323 10.81 0.01 -20.92
CA ALA B 323 11.40 0.51 -22.14
C ALA B 323 10.54 -0.03 -23.28
N GLY B 324 10.59 0.61 -24.43
CA GLY B 324 9.87 0.09 -25.60
C GLY B 324 8.59 0.82 -25.97
N ILE B 325 7.71 0.14 -26.74
CA ILE B 325 6.45 0.74 -27.23
C ILE B 325 5.64 1.28 -26.06
N HIS B 326 5.91 0.76 -24.86
CA HIS B 326 5.18 1.16 -23.65
C HIS B 326 5.83 2.28 -22.84
N ALA B 327 7.09 2.60 -23.14
CA ALA B 327 7.70 3.86 -22.69
C ALA B 327 6.98 5.07 -23.32
N LYS B 328 6.34 4.86 -24.48
CA LYS B 328 5.60 5.90 -25.18
C LYS B 328 4.21 6.21 -24.58
N ALA B 329 3.82 5.45 -23.56
CA ALA B 329 2.55 5.66 -22.84
C ALA B 329 2.55 6.93 -21.98
N ILE B 330 3.75 7.39 -21.62
CA ILE B 330 3.97 8.72 -21.05
C ILE B 330 4.61 9.64 -22.11
N LEU B 331 4.52 10.95 -21.86
CA LEU B 331 5.07 11.97 -22.77
C LEU B 331 6.57 12.19 -22.56
N ALA B 332 7.01 12.20 -21.31
CA ALA B 332 8.40 12.42 -20.97
C ALA B 332 9.13 11.07 -20.90
N ASN B 333 10.45 11.09 -21.12
CA ASN B 333 11.31 9.92 -20.87
CA ASN B 333 11.27 9.90 -20.89
C ASN B 333 10.95 9.29 -19.50
N PRO B 334 10.86 7.93 -19.43
CA PRO B 334 10.64 7.33 -18.09
C PRO B 334 11.54 7.84 -16.95
N SER B 335 12.80 8.18 -17.26
CA SER B 335 13.74 8.62 -16.20
C SER B 335 13.46 10.02 -15.60
N THR B 336 12.51 10.76 -16.21
CA THR B 336 11.96 11.99 -15.64
C THR B 336 11.18 11.72 -14.34
N TYR B 337 10.70 10.50 -14.18
CA TYR B 337 9.87 10.18 -13.03
C TYR B 337 10.65 9.21 -12.17
N GLU B 338 11.52 9.80 -11.33
CA GLU B 338 12.36 9.07 -10.39
C GLU B 338 12.38 9.81 -9.05
N ILE B 339 11.24 9.88 -8.38
CA ILE B 339 11.12 10.59 -7.11
C ILE B 339 12.04 9.98 -6.02
N LEU B 340 12.28 8.68 -6.11
CA LEU B 340 13.26 8.00 -5.25
C LEU B 340 14.56 7.76 -6.03
N LYS B 341 15.68 8.21 -5.48
CA LYS B 341 16.98 7.97 -6.15
C LYS B 341 17.54 6.67 -5.62
N PRO B 342 17.83 5.70 -6.51
CA PRO B 342 18.22 4.34 -6.09
C PRO B 342 19.45 4.32 -5.20
N GLU B 343 20.43 5.18 -5.49
CA GLU B 343 21.67 5.25 -4.70
C GLU B 343 21.48 5.71 -3.26
N ASP B 344 20.37 6.37 -2.97
CA ASP B 344 20.06 6.76 -1.60
C ASP B 344 19.60 5.58 -0.77
N PHE B 345 19.14 4.53 -1.47
CA PHE B 345 18.62 3.31 -0.86
C PHE B 345 19.49 2.10 -1.10
N GLY B 346 20.77 2.35 -1.39
CA GLY B 346 21.75 1.29 -1.60
C GLY B 346 21.69 0.57 -2.94
N MET B 347 20.96 1.12 -3.90
CA MET B 347 20.82 0.48 -5.20
C MET B 347 21.58 1.24 -6.27
N SER B 348 21.75 0.64 -7.44
CA SER B 348 22.64 1.27 -8.42
C SER B 348 21.94 1.96 -9.60
N ARG B 349 20.69 1.60 -9.89
CA ARG B 349 20.01 2.17 -11.06
C ARG B 349 18.55 1.77 -11.04
N TYR B 350 17.74 2.50 -11.80
CA TYR B 350 16.48 1.95 -12.30
C TYR B 350 16.81 0.96 -13.42
N VAL B 351 16.09 -0.15 -13.44
CA VAL B 351 16.25 -1.14 -14.48
C VAL B 351 15.24 -0.83 -15.57
N HIS B 352 15.71 -0.63 -16.79
CA HIS B 352 14.87 -0.34 -17.94
C HIS B 352 14.51 -1.62 -18.67
N VAL B 353 13.25 -2.01 -18.55
CA VAL B 353 12.81 -3.34 -19.01
C VAL B 353 12.25 -3.32 -20.44
N GLY B 354 12.97 -3.97 -21.33
CA GLY B 354 12.56 -4.11 -22.72
C GLY B 354 11.92 -5.47 -22.97
N SER B 355 12.67 -6.53 -22.73
CA SER B 355 12.12 -7.88 -22.86
C SER B 355 12.00 -8.55 -21.48
N ARG B 356 11.48 -9.77 -21.46
N ARG B 356 11.48 -9.77 -21.45
CA ARG B 356 11.40 -10.57 -20.23
CA ARG B 356 11.38 -10.54 -20.21
C ARG B 356 12.77 -11.18 -19.94
C ARG B 356 12.75 -11.19 -19.92
N LEU B 357 13.44 -10.70 -18.90
CA LEU B 357 14.77 -11.22 -18.54
C LEU B 357 14.60 -12.57 -17.82
N THR B 358 15.19 -13.63 -18.37
CA THR B 358 14.99 -14.98 -17.82
C THR B 358 16.30 -15.72 -17.50
N GLY B 359 16.27 -16.51 -16.43
CA GLY B 359 17.41 -17.34 -16.04
C GLY B 359 18.43 -16.55 -15.25
N TRP B 360 19.71 -16.78 -15.55
CA TRP B 360 20.77 -16.04 -14.88
C TRP B 360 20.77 -14.57 -15.30
N ASN B 361 20.27 -14.31 -16.51
CA ASN B 361 20.10 -12.96 -17.03
C ASN B 361 19.18 -12.12 -16.13
N ALA B 362 18.19 -12.76 -15.51
CA ALA B 362 17.28 -12.08 -14.57
C ALA B 362 17.93 -11.89 -13.22
N ILE B 363 18.64 -12.90 -12.75
CA ILE B 363 19.40 -12.83 -11.50
C ILE B 363 20.50 -11.76 -11.55
N LYS B 364 21.31 -11.77 -12.62
CA LYS B 364 22.41 -10.81 -12.82
C LYS B 364 21.89 -9.37 -12.76
N SER B 365 20.83 -9.09 -13.53
CA SER B 365 20.21 -7.77 -13.56
C SER B 365 19.83 -7.29 -12.13
N ARG B 366 19.11 -8.14 -11.39
CA ARG B 366 18.70 -7.77 -10.06
C ARG B 366 19.85 -7.70 -9.05
N ALA B 367 20.81 -8.62 -9.14
CA ALA B 367 21.95 -8.63 -8.23
C ALA B 367 22.83 -7.38 -8.42
N GLU B 368 22.92 -6.91 -9.66
CA GLU B 368 23.72 -5.76 -9.98
C GLU B 368 23.00 -4.51 -9.51
N GLN B 369 21.67 -4.51 -9.61
CA GLN B 369 20.87 -3.44 -9.08
C GLN B 369 21.02 -3.28 -7.56
N LEU B 370 21.20 -4.41 -6.87
CA LEU B 370 21.30 -4.45 -5.41
C LEU B 370 22.73 -4.34 -4.89
N ASN B 371 23.68 -4.20 -5.81
CA ASN B 371 25.11 -4.11 -5.48
C ASN B 371 25.69 -5.34 -4.78
N LEU B 372 25.18 -6.51 -5.16
CA LEU B 372 25.68 -7.79 -4.65
C LEU B 372 26.78 -8.20 -5.59
N HIS B 373 28.02 -8.06 -5.15
CA HIS B 373 29.11 -8.39 -6.08
C HIS B 373 29.32 -9.91 -6.00
N LEU B 374 28.64 -10.60 -6.91
CA LEU B 374 28.56 -12.06 -6.90
C LEU B 374 29.80 -12.64 -7.56
N THR B 375 30.47 -13.54 -6.83
CA THR B 375 31.63 -14.28 -7.33
C THR B 375 31.19 -15.23 -8.45
N ASP B 376 32.13 -15.81 -9.18
CA ASP B 376 31.74 -16.81 -10.15
C ASP B 376 31.16 -18.04 -9.46
N ALA B 377 31.75 -18.41 -8.34
CA ALA B 377 31.23 -19.54 -7.53
C ALA B 377 29.77 -19.38 -7.12
N GLN B 378 29.42 -18.18 -6.65
CA GLN B 378 28.05 -17.84 -6.28
C GLN B 378 27.08 -17.83 -7.47
N ALA B 379 27.47 -17.11 -8.55
CA ALA B 379 26.70 -17.11 -9.80
C ALA B 379 26.34 -18.53 -10.30
N LYS B 380 27.24 -19.51 -10.07
CA LYS B 380 27.05 -20.92 -10.48
C LYS B 380 25.90 -21.57 -9.71
N GLU B 381 26.08 -21.69 -8.40
CA GLU B 381 25.08 -22.30 -7.51
C GLU B 381 23.67 -21.65 -7.60
N LEU B 382 23.62 -20.36 -7.92
CA LEU B 382 22.34 -19.64 -8.07
C LEU B 382 21.63 -20.03 -9.36
N THR B 383 22.41 -20.25 -10.43
CA THR B 383 21.87 -20.77 -11.68
C THR B 383 21.41 -22.23 -11.50
N VAL B 384 22.09 -22.98 -10.63
CA VAL B 384 21.72 -24.35 -10.32
C VAL B 384 20.35 -24.39 -9.64
N ARG B 385 20.16 -23.54 -8.62
CA ARG B 385 18.92 -23.48 -7.86
C ARG B 385 17.75 -22.98 -8.68
N ILE B 386 18.00 -21.95 -9.49
CA ILE B 386 16.94 -21.25 -10.25
C ILE B 386 16.21 -22.18 -11.23
N LYS B 387 16.92 -23.21 -11.68
CA LYS B 387 16.40 -24.22 -12.60
C LYS B 387 15.79 -25.36 -11.77
N LYS B 388 16.52 -25.80 -10.75
CA LYS B 388 16.06 -26.79 -9.75
C LYS B 388 14.83 -26.26 -8.98
N LEU B 389 14.25 -25.18 -9.51
CA LEU B 389 13.02 -24.59 -8.99
C LEU B 389 12.00 -24.43 -10.12
N ALA B 390 12.44 -23.99 -11.29
CA ALA B 390 11.60 -23.96 -12.50
C ALA B 390 11.21 -25.36 -12.96
N ASP B 391 12.04 -26.35 -12.63
CA ASP B 391 11.74 -27.76 -12.93
C ASP B 391 10.71 -28.32 -11.94
N VAL B 392 10.29 -27.49 -10.99
CA VAL B 392 9.25 -27.86 -10.06
C VAL B 392 8.03 -27.03 -10.38
N ARG B 393 8.24 -25.87 -10.99
CA ARG B 393 7.11 -25.07 -11.39
C ARG B 393 7.56 -23.73 -11.93
N THR B 394 6.62 -23.03 -12.53
CA THR B 394 6.92 -21.82 -13.26
C THR B 394 7.36 -20.70 -12.34
N LEU B 395 8.41 -20.00 -12.74
CA LEU B 395 9.05 -18.98 -11.92
C LEU B 395 8.23 -17.70 -11.83
N ALA B 396 8.09 -17.15 -10.63
CA ALA B 396 7.56 -15.80 -10.44
C ALA B 396 8.76 -14.87 -10.34
N MET B 397 8.56 -13.58 -10.61
CA MET B 397 9.67 -12.63 -10.50
C MET B 397 10.04 -12.43 -9.02
N ASP B 398 9.08 -12.73 -8.16
CA ASP B 398 9.30 -12.89 -6.71
C ASP B 398 10.44 -13.87 -6.38
N ASP B 399 10.58 -14.93 -7.17
CA ASP B 399 11.63 -15.95 -6.94
C ASP B 399 13.05 -15.40 -7.07
N VAL B 400 13.25 -14.44 -7.97
CA VAL B 400 14.54 -13.79 -8.20
C VAL B 400 15.06 -13.19 -6.89
N ASP B 401 14.24 -12.37 -6.26
CA ASP B 401 14.56 -11.85 -4.92
C ASP B 401 14.68 -12.92 -3.83
N ARG B 402 13.91 -14.00 -3.95
CA ARG B 402 14.00 -15.06 -2.96
C ARG B 402 15.31 -15.83 -2.98
N VAL B 403 15.83 -16.13 -4.17
CA VAL B 403 17.10 -16.86 -4.24
C VAL B 403 18.28 -15.94 -3.92
N LEU B 404 18.06 -14.62 -4.02
CA LEU B 404 19.10 -13.64 -3.71
C LEU B 404 19.19 -13.27 -2.23
N ARG B 405 18.24 -13.73 -1.42
CA ARG B 405 18.10 -13.28 -0.04
C ARG B 405 19.35 -13.45 0.81
N GLU B 406 20.03 -14.58 0.60
N GLU B 406 20.04 -14.58 0.69
CA GLU B 406 21.23 -14.99 1.32
CA GLU B 406 21.23 -14.84 1.52
C GLU B 406 22.48 -14.16 0.96
C GLU B 406 22.43 -13.96 1.16
N TYR B 407 22.31 -13.16 0.09
CA TYR B 407 23.43 -12.35 -0.41
C TYR B 407 23.41 -10.89 0.05
N HIS B 408 24.59 -10.41 0.43
CA HIS B 408 24.77 -9.10 1.03
C HIS B 408 25.61 -8.19 0.17
N ALA B 409 25.32 -6.89 0.24
CA ALA B 409 26.06 -5.88 -0.50
C ALA B 409 27.36 -5.49 0.20
N ASP B 410 28.36 -5.10 -0.60
CA ASP B 410 29.65 -4.56 -0.15
C ASP B 410 30.45 -5.39 0.84
N LYS C . 0.65 6.70 -17.01
CA LYS C . 0.14 8.05 -17.35
C LYS C . 0.66 8.99 -16.27
O LYS C . 1.03 8.49 -15.18
CB LYS C . -1.40 8.06 -17.37
CG LYS C . -2.07 9.41 -17.60
CD LYS C . -3.58 9.22 -17.69
CE LYS C . -4.30 10.51 -18.08
NZ LYS C . -5.79 10.26 -18.30
OXT LYS C . 0.73 10.20 -16.44
ZN ZN D . 0.49 6.36 -14.89
NA NA E . -18.05 24.71 -11.57
N LYS F . -2.55 -2.98 18.30
CA LYS F . -3.01 -1.75 18.99
C LYS F . -4.05 -1.10 18.10
O LYS F . -4.04 -1.35 16.88
CB LYS F . -1.84 -0.77 19.23
CG LYS F . -2.19 0.49 20.05
CD LYS F . -0.96 1.36 20.23
CE LYS F . -1.26 2.56 21.12
NZ LYS F . -0.03 3.31 21.57
OXT LYS F . -4.88 -0.32 18.58
ZN ZN G . -2.43 -2.10 15.95
NA NA H . -1.93 23.26 22.91
#